data_9MNG
#
_entry.id   9MNG
#
_cell.length_a   1.00
_cell.length_b   1.00
_cell.length_c   1.00
_cell.angle_alpha   90.00
_cell.angle_beta   90.00
_cell.angle_gamma   90.00
#
_symmetry.space_group_name_H-M   'P 1'
#
loop_
_entity.id
_entity.type
_entity.pdbx_description
1 polymer 'Band 3 anion transport protein'
2 branched 2-acetamido-2-deoxy-beta-D-glucopyranose-(1-4)-[alpha-L-fucopyranose-(1-6)]2-acetamido-2-deoxy-beta-D-glucopyranose
3 non-polymer '[(2R)-2-octanoyloxy-3-[oxidanyl-[(1R,2R,3S,4R,5R,6S)-2,3,6-tris(oxidanyl)-4,5-diphosphonooxy-cyclohexyl]oxy-phosphoryl]oxy-propyl] octanoate'
4 non-polymer 'DIUNDECYL PHOSPHATIDYL CHOLINE'
5 non-polymer 2-acetamido-2-deoxy-beta-D-glucopyranose
#
_entity_poly.entity_id   1
_entity_poly.type   'polypeptide(L)'
_entity_poly.pdbx_seq_one_letter_code
;MEELQDDYEDMMEENLEQEEYEDPDIPESQMEEPAAHDTEATATDYHTTSHPGTHKVYVELQELVMDEKNQELRWMEAAR
WVQLEENLGENGAWGRPHLSHLTFWSLLELRRVFTKGTVLLDLQETSLAGVANQLLDRFIFEDQIRPQDREELLRALLLK
HSHAGELEALGGVKPAVLTRSGDPSQPLLPQHSSLETQLFCEQGDGGTEGHSPSGILEKIPPDSEATLVLVGRADFLEQP
VLGFVRLQEAAELEAVELPVPIRFLFVLLGPEAPHIDYTQLGRAAATLMSERVFRIDAYMAQSRGELLHSLEGFLDCSLV
LPPTDAPSEQALLSLVPVQRELLRRRYQSSPAKPDSSFYKGLDLNGGPDDPLQQTGQLFGGLVRDIRRRYPYYLSDITDA
FSPQVLAAVIFIYFAALSPAITFGGLLGEKTRNQMGVSELLISTAVQGILFALLGAQPLLVVGFSGPLLVFEEAFFSFCE
TNGLEYIVGRVWIGFWLILLVVLVVAFEGSFLVRFISRYTQEIFSFLISLIFIYETFSKLIKIFQDHPLQKTYNYNVLMV
PKPQGPLPNTALLSLVLMAGTFFFAMMLRKFKNSSYFPGKLRRVIGDFGVPISILIMVLVDFFIQDTYTQKLSVPDGFKV
SNSSARGWVIHPLGLRSEFPIWMMFASALPALLVFILIFLESQITTLIVSKPERKMVKGSGFHLDLLLVVGMGGVAALFG
MPWLSATTVRSVTHANALTVMGKASTPGAAAQIQEVKEQRISGLLVAVLVGLSILMEPILSRIPLAVLFGIFLYMGVTSL
SGIQLFDRILLLFKPPKYHPDVPYVKRVKTWRMHLFTGIQIICLAVLWVVKSTPASLALPFVLILTVPLRRVLLPLIFRN
VELQCLDADDAKATFDEEEGRDEYDEVAMPV
;
_entity_poly.pdbx_strand_id   C,B
#
loop_
_chem_comp.id
_chem_comp.type
_chem_comp.name
_chem_comp.formula
FUC L-saccharide, alpha linking alpha-L-fucopyranose 'C6 H12 O5'
NAG D-saccharide, beta linking 2-acetamido-2-deoxy-beta-D-glucopyranose 'C8 H15 N O6'
PIO non-polymer '[(2R)-2-octanoyloxy-3-[oxidanyl-[(1R,2R,3S,4R,5R,6S)-2,3,6-tris(oxidanyl)-4,5-diphosphonooxy-cyclohexyl]oxy-phosphoryl]oxy-propyl] octanoate' 'C25 H49 O19 P3'
PLC non-polymer 'DIUNDECYL PHOSPHATIDYL CHOLINE' 'C32 H65 N O8 P 1'
#
# COMPACT_ATOMS: atom_id res chain seq x y z
N PRO A 371 37.46 -0.60 24.85
CA PRO A 371 36.34 -1.29 25.51
C PRO A 371 36.45 -2.80 25.41
N LEU A 372 36.55 -3.32 24.18
CA LEU A 372 36.66 -4.76 23.99
C LEU A 372 38.03 -5.30 24.33
N GLN A 373 39.05 -4.44 24.36
CA GLN A 373 40.41 -4.90 24.61
C GLN A 373 40.54 -5.47 26.02
N GLN A 374 41.38 -6.49 26.15
CA GLN A 374 41.62 -7.10 27.45
C GLN A 374 42.44 -6.16 28.33
N THR A 375 41.98 -5.95 29.56
CA THR A 375 42.74 -5.17 30.52
C THR A 375 43.90 -5.99 31.11
N GLY A 376 43.76 -7.30 31.18
CA GLY A 376 44.75 -8.16 31.79
C GLY A 376 44.53 -8.45 33.26
N GLN A 377 43.53 -7.83 33.88
CA GLN A 377 43.21 -8.04 35.28
C GLN A 377 41.88 -8.76 35.42
N LEU A 378 41.75 -9.52 36.50
CA LEU A 378 40.52 -10.27 36.73
C LEU A 378 39.32 -9.35 36.76
N PHE A 379 38.29 -9.71 35.99
CA PHE A 379 37.04 -8.95 35.94
C PHE A 379 37.29 -7.50 35.52
N GLY A 380 38.32 -7.28 34.70
CA GLY A 380 38.64 -5.92 34.27
C GLY A 380 37.57 -5.32 33.38
N GLY A 381 37.06 -6.10 32.43
CA GLY A 381 36.06 -5.57 31.51
C GLY A 381 34.77 -5.17 32.22
N LEU A 382 34.35 -5.96 33.20
CA LEU A 382 33.12 -5.65 33.92
C LEU A 382 33.25 -4.33 34.68
N VAL A 383 34.35 -4.15 35.41
CA VAL A 383 34.54 -2.91 36.15
C VAL A 383 34.70 -1.74 35.19
N ARG A 384 35.37 -1.96 34.06
CA ARG A 384 35.50 -0.89 33.07
C ARG A 384 34.14 -0.45 32.56
N ASP A 385 33.27 -1.42 32.24
CA ASP A 385 31.94 -1.08 31.76
C ASP A 385 31.13 -0.37 32.84
N ILE A 386 31.24 -0.82 34.08
CA ILE A 386 30.54 -0.14 35.17
C ILE A 386 30.99 1.31 35.26
N ARG A 387 32.31 1.53 35.30
CA ARG A 387 32.82 2.89 35.40
C ARG A 387 32.42 3.73 34.20
N ARG A 388 32.33 3.13 33.02
CA ARG A 388 32.02 3.89 31.82
C ARG A 388 30.54 4.29 31.77
N ARG A 389 29.64 3.39 32.18
CA ARG A 389 28.21 3.63 32.00
C ARG A 389 27.53 4.23 33.22
N TYR A 390 27.80 3.69 34.42
CA TYR A 390 27.02 4.10 35.58
C TYR A 390 27.14 5.57 35.95
N PRO A 391 28.24 6.29 35.67
CA PRO A 391 28.22 7.73 35.97
C PRO A 391 27.12 8.49 35.26
N TYR A 392 26.66 8.01 34.10
CA TYR A 392 25.56 8.62 33.37
C TYR A 392 24.19 8.12 33.84
N TYR A 393 24.11 7.54 35.04
CA TYR A 393 22.84 6.97 35.48
C TYR A 393 21.76 8.03 35.62
N LEU A 394 22.10 9.19 36.18
CA LEU A 394 21.12 10.26 36.31
C LEU A 394 20.66 10.73 34.94
N SER A 395 21.58 10.82 33.98
CA SER A 395 21.20 11.19 32.63
C SER A 395 20.27 10.15 32.01
N ASP A 396 20.43 8.88 32.37
CA ASP A 396 19.59 7.83 31.81
C ASP A 396 18.12 8.05 32.19
N ILE A 397 17.87 8.42 33.45
CA ILE A 397 16.50 8.71 33.86
C ILE A 397 16.02 10.01 33.23
N THR A 398 16.88 11.03 33.19
CA THR A 398 16.46 12.35 32.73
C THR A 398 16.06 12.32 31.25
N ASP A 399 16.82 11.60 30.42
CA ASP A 399 16.54 11.56 29.00
C ASP A 399 15.24 10.85 28.66
N ALA A 400 14.62 10.17 29.63
CA ALA A 400 13.41 9.40 29.35
C ALA A 400 12.19 10.29 29.18
N PHE A 401 12.20 11.48 29.78
CA PHE A 401 11.02 12.35 29.78
C PHE A 401 10.88 13.00 28.42
N SER A 402 10.21 12.30 27.50
CA SER A 402 9.94 12.81 26.17
C SER A 402 8.79 12.01 25.57
N PRO A 403 8.09 12.56 24.57
CA PRO A 403 7.00 11.80 23.96
C PRO A 403 7.47 10.61 23.14
N GLN A 404 8.57 10.76 22.42
CA GLN A 404 9.12 9.64 21.67
C GLN A 404 9.38 8.44 22.57
N VAL A 405 9.77 8.70 23.83
CA VAL A 405 9.99 7.61 24.76
C VAL A 405 8.70 6.86 25.03
N LEU A 406 7.59 7.59 25.21
CA LEU A 406 6.31 6.93 25.42
C LEU A 406 5.88 6.13 24.20
N ALA A 407 6.07 6.70 23.00
CA ALA A 407 5.70 5.98 21.79
C ALA A 407 6.51 4.69 21.67
N ALA A 408 7.82 4.76 21.94
CA ALA A 408 8.65 3.57 21.90
C ALA A 408 8.22 2.58 22.97
N VAL A 409 7.82 3.07 24.14
CA VAL A 409 7.36 2.19 25.21
C VAL A 409 6.17 1.38 24.72
N ILE A 410 5.17 2.05 24.15
CA ILE A 410 3.98 1.33 23.70
C ILE A 410 4.34 0.34 22.59
N PHE A 411 5.10 0.80 21.60
CA PHE A 411 5.43 -0.05 20.46
C PHE A 411 6.19 -1.29 20.90
N ILE A 412 7.27 -1.10 21.67
CA ILE A 412 8.07 -2.23 22.11
C ILE A 412 7.32 -3.09 23.10
N TYR A 413 6.41 -2.51 23.89
CA TYR A 413 5.59 -3.32 24.77
C TYR A 413 4.77 -4.33 23.98
N PHE A 414 4.11 -3.87 22.92
CA PHE A 414 3.37 -4.81 22.09
C PHE A 414 4.30 -5.82 21.42
N ALA A 415 5.42 -5.32 20.85
CA ALA A 415 6.34 -6.17 20.11
C ALA A 415 7.01 -7.20 20.98
N ALA A 416 7.08 -6.98 22.30
CA ALA A 416 7.66 -7.93 23.23
C ALA A 416 6.62 -8.82 23.87
N LEU A 417 5.42 -8.31 24.13
CA LEU A 417 4.37 -9.13 24.72
C LEU A 417 3.90 -10.19 23.75
N SER A 418 3.67 -9.84 22.48
CA SER A 418 3.13 -10.83 21.56
C SER A 418 4.05 -12.03 21.37
N PRO A 419 5.34 -11.87 21.06
CA PRO A 419 6.23 -13.03 20.97
C PRO A 419 6.29 -13.81 22.27
N ALA A 420 6.21 -13.14 23.42
CA ALA A 420 6.18 -13.85 24.68
C ALA A 420 5.02 -14.83 24.73
N ILE A 421 3.82 -14.38 24.37
CA ILE A 421 2.65 -15.26 24.39
C ILE A 421 2.80 -16.38 23.36
N THR A 422 3.26 -16.04 22.15
CA THR A 422 3.39 -17.07 21.12
C THR A 422 4.35 -18.17 21.56
N PHE A 423 5.55 -17.79 22.02
CA PHE A 423 6.52 -18.77 22.44
C PHE A 423 6.09 -19.50 23.71
N GLY A 424 5.37 -18.84 24.60
CA GLY A 424 4.84 -19.53 25.75
C GLY A 424 3.85 -20.61 25.36
N GLY A 425 2.96 -20.31 24.41
CA GLY A 425 2.04 -21.33 23.94
C GLY A 425 2.75 -22.49 23.29
N LEU A 426 3.71 -22.19 22.40
CA LEU A 426 4.46 -23.27 21.75
C LEU A 426 5.22 -24.11 22.76
N LEU A 427 5.83 -23.46 23.74
CA LEU A 427 6.64 -24.15 24.74
C LEU A 427 5.77 -25.01 25.66
N GLY A 428 4.58 -24.51 26.01
CA GLY A 428 3.66 -25.32 26.79
C GLY A 428 3.15 -26.51 26.01
N GLU A 429 2.94 -26.33 24.70
CA GLU A 429 2.54 -27.46 23.87
C GLU A 429 3.64 -28.51 23.80
N LYS A 430 4.90 -28.08 23.63
CA LYS A 430 5.98 -29.03 23.42
C LYS A 430 6.43 -29.70 24.71
N THR A 431 6.36 -28.98 25.84
CA THR A 431 6.88 -29.49 27.11
C THR A 431 5.78 -29.97 28.05
N ARG A 432 4.56 -30.17 27.54
CA ARG A 432 3.45 -30.64 28.35
C ARG A 432 3.13 -29.69 29.49
N ASN A 433 3.31 -28.39 29.24
CA ASN A 433 2.94 -27.33 30.17
C ASN A 433 3.85 -27.25 31.38
N GLN A 434 5.02 -27.90 31.33
CA GLN A 434 6.01 -27.70 32.39
C GLN A 434 6.44 -26.25 32.45
N MET A 435 6.64 -25.63 31.29
CA MET A 435 6.87 -24.20 31.18
C MET A 435 5.89 -23.66 30.15
N GLY A 436 5.15 -22.61 30.52
CA GLY A 436 4.08 -22.10 29.70
C GLY A 436 4.14 -20.59 29.58
N VAL A 437 2.96 -20.01 29.33
CA VAL A 437 2.88 -18.58 29.04
C VAL A 437 3.16 -17.76 30.30
N SER A 438 2.59 -18.16 31.44
CA SER A 438 2.75 -17.38 32.66
C SER A 438 4.22 -17.35 33.10
N GLU A 439 4.89 -18.50 33.06
CA GLU A 439 6.29 -18.54 33.45
C GLU A 439 7.13 -17.67 32.53
N LEU A 440 6.90 -17.75 31.22
CA LEU A 440 7.67 -16.94 30.28
C LEU A 440 7.42 -15.46 30.50
N LEU A 441 6.16 -15.08 30.75
CA LEU A 441 5.85 -13.67 30.98
C LEU A 441 6.52 -13.16 32.25
N ILE A 442 6.48 -13.94 33.33
CA ILE A 442 7.12 -13.51 34.56
C ILE A 442 8.63 -13.41 34.38
N SER A 443 9.22 -14.38 33.68
CA SER A 443 10.65 -14.32 33.42
C SER A 443 11.01 -13.08 32.61
N THR A 444 10.25 -12.80 31.56
CA THR A 444 10.51 -11.63 30.74
C THR A 444 10.41 -10.36 31.56
N ALA A 445 9.36 -10.24 32.38
CA ALA A 445 9.20 -9.04 33.19
C ALA A 445 10.36 -8.85 34.14
N VAL A 446 10.69 -9.89 34.93
CA VAL A 446 11.73 -9.76 35.94
C VAL A 446 13.07 -9.48 35.29
N GLN A 447 13.42 -10.25 34.26
CA GLN A 447 14.72 -10.08 33.64
C GLN A 447 14.84 -8.73 32.93
N GLY A 448 13.78 -8.28 32.28
CA GLY A 448 13.81 -6.97 31.66
C GLY A 448 13.98 -5.86 32.68
N ILE A 449 13.25 -5.94 33.80
CA ILE A 449 13.39 -4.93 34.84
C ILE A 449 14.83 -4.89 35.35
N LEU A 450 15.37 -6.06 35.70
CA LEU A 450 16.72 -6.10 36.25
C LEU A 450 17.76 -5.63 35.23
N PHE A 451 17.61 -6.04 33.98
CA PHE A 451 18.58 -5.66 32.95
C PHE A 451 18.53 -4.16 32.69
N ALA A 452 17.33 -3.58 32.64
CA ALA A 452 17.22 -2.14 32.45
C ALA A 452 17.82 -1.39 33.63
N LEU A 453 17.58 -1.88 34.85
CA LEU A 453 18.06 -1.16 36.03
C LEU A 453 19.58 -1.25 36.13
N LEU A 454 20.17 -2.40 35.80
CA LEU A 454 21.58 -2.65 36.06
C LEU A 454 22.39 -2.97 34.81
N GLY A 455 21.86 -2.70 33.62
CA GLY A 455 22.52 -3.09 32.39
C GLY A 455 23.39 -2.00 31.81
N ALA A 456 24.46 -2.43 31.12
CA ALA A 456 25.33 -1.48 30.45
C ALA A 456 24.71 -0.95 29.16
N GLN A 457 23.83 -1.72 28.54
CA GLN A 457 23.14 -1.31 27.31
C GLN A 457 21.65 -1.48 27.55
N PRO A 458 21.00 -0.50 28.19
CA PRO A 458 19.57 -0.66 28.51
C PRO A 458 18.68 -0.85 27.30
N LEU A 459 19.10 -0.40 26.11
CA LEU A 459 18.24 -0.47 24.94
C LEU A 459 17.94 -1.89 24.52
N LEU A 460 18.76 -2.86 24.92
CA LEU A 460 18.50 -4.25 24.56
C LEU A 460 17.24 -4.74 25.26
N VAL A 461 16.48 -5.57 24.56
CA VAL A 461 15.25 -6.17 25.08
C VAL A 461 15.47 -7.66 25.17
N VAL A 462 15.32 -8.22 26.37
CA VAL A 462 15.58 -9.64 26.62
C VAL A 462 14.27 -10.40 26.52
N GLY A 463 14.26 -11.44 25.69
CA GLY A 463 13.09 -12.27 25.52
C GLY A 463 13.46 -13.59 24.87
N PHE A 464 12.50 -14.51 24.92
CA PHE A 464 12.70 -15.82 24.32
C PHE A 464 12.77 -15.72 22.81
N SER A 465 13.58 -16.59 22.22
CA SER A 465 13.76 -16.64 20.77
C SER A 465 13.56 -18.06 20.28
N GLY A 466 13.55 -18.21 18.96
CA GLY A 466 13.32 -19.50 18.34
C GLY A 466 14.33 -20.55 18.71
N PRO A 467 15.62 -20.21 18.62
CA PRO A 467 16.65 -21.20 18.98
C PRO A 467 16.50 -21.73 20.40
N LEU A 468 16.14 -20.86 21.35
CA LEU A 468 15.93 -21.31 22.71
C LEU A 468 14.77 -22.30 22.79
N LEU A 469 13.69 -22.04 22.05
CA LEU A 469 12.57 -22.97 22.03
C LEU A 469 12.99 -24.32 21.44
N VAL A 470 13.77 -24.28 20.36
CA VAL A 470 14.23 -25.52 19.74
C VAL A 470 15.07 -26.32 20.74
N PHE A 471 15.98 -25.64 21.43
CA PHE A 471 16.80 -26.34 22.41
C PHE A 471 15.95 -26.90 23.55
N GLU A 472 14.95 -26.14 24.00
CA GLU A 472 14.11 -26.61 25.09
C GLU A 472 13.35 -27.86 24.70
N GLU A 473 12.78 -27.88 23.49
CA GLU A 473 12.06 -29.07 23.06
C GLU A 473 13.00 -30.25 22.88
N ALA A 474 14.21 -30.01 22.35
CA ALA A 474 15.16 -31.11 22.20
C ALA A 474 15.56 -31.67 23.57
N PHE A 475 15.78 -30.79 24.55
CA PHE A 475 16.14 -31.25 25.88
C PHE A 475 14.98 -32.00 26.53
N PHE A 476 13.75 -31.54 26.32
CA PHE A 476 12.60 -32.26 26.85
C PHE A 476 12.51 -33.66 26.26
N SER A 477 12.71 -33.78 24.94
CA SER A 477 12.69 -35.09 24.32
C SER A 477 13.80 -35.99 24.86
N PHE A 478 15.00 -35.43 25.02
CA PHE A 478 16.10 -36.22 25.55
C PHE A 478 15.80 -36.71 26.97
N CYS A 479 15.28 -35.82 27.81
CA CYS A 479 14.96 -36.22 29.19
C CYS A 479 13.86 -37.27 29.21
N GLU A 480 12.84 -37.12 28.35
CA GLU A 480 11.81 -38.13 28.26
C GLU A 480 12.41 -39.49 27.89
N THR A 481 13.31 -39.50 26.91
CA THR A 481 13.94 -40.74 26.50
C THR A 481 14.76 -41.35 27.63
N ASN A 482 15.45 -40.51 28.39
CA ASN A 482 16.34 -40.97 29.45
C ASN A 482 15.65 -41.09 30.81
N GLY A 483 14.36 -40.82 30.89
CA GLY A 483 13.65 -40.95 32.16
C GLY A 483 14.11 -39.99 33.23
N LEU A 484 14.40 -38.74 32.86
CA LEU A 484 14.85 -37.73 33.79
C LEU A 484 13.83 -36.61 33.89
N GLU A 485 13.88 -35.87 34.99
CA GLU A 485 13.02 -34.70 35.15
C GLU A 485 13.54 -33.55 34.31
N TYR A 486 12.67 -32.98 33.48
CA TYR A 486 13.08 -31.90 32.58
C TYR A 486 13.43 -30.65 33.36
N ILE A 487 12.63 -30.29 34.36
CA ILE A 487 12.83 -29.05 35.09
C ILE A 487 14.11 -29.11 35.91
N VAL A 488 14.41 -30.27 36.52
CA VAL A 488 15.63 -30.40 37.30
C VAL A 488 16.85 -30.34 36.40
N GLY A 489 16.79 -31.00 35.24
CA GLY A 489 17.86 -30.87 34.28
C GLY A 489 18.08 -29.42 33.86
N ARG A 490 17.00 -28.67 33.70
CA ARG A 490 17.13 -27.25 33.39
C ARG A 490 17.79 -26.50 34.54
N VAL A 491 17.45 -26.85 35.78
CA VAL A 491 18.09 -26.20 36.92
C VAL A 491 19.60 -26.43 36.89
N TRP A 492 20.02 -27.66 36.63
CA TRP A 492 21.45 -27.95 36.62
C TRP A 492 22.14 -27.28 35.44
N ILE A 493 21.47 -27.21 34.29
CA ILE A 493 22.03 -26.47 33.17
C ILE A 493 22.19 -25.00 33.54
N GLY A 494 21.24 -24.46 34.30
CA GLY A 494 21.36 -23.08 34.74
C GLY A 494 22.53 -22.87 35.68
N PHE A 495 22.76 -23.82 36.59
CA PHE A 495 23.93 -23.72 37.46
C PHE A 495 25.21 -23.75 36.64
N TRP A 496 25.30 -24.65 35.67
CA TRP A 496 26.49 -24.70 34.83
C TRP A 496 26.65 -23.41 34.03
N LEU A 497 25.55 -22.83 33.57
CA LEU A 497 25.61 -21.56 32.85
C LEU A 497 26.14 -20.44 33.75
N ILE A 498 25.68 -20.40 34.99
CA ILE A 498 26.19 -19.40 35.92
C ILE A 498 27.69 -19.56 36.11
N LEU A 499 28.13 -20.80 36.32
CA LEU A 499 29.56 -21.03 36.49
C LEU A 499 30.34 -20.60 35.24
N LEU A 500 29.84 -20.96 34.07
CA LEU A 500 30.54 -20.63 32.83
C LEU A 500 30.61 -19.13 32.60
N VAL A 501 29.52 -18.41 32.87
CA VAL A 501 29.54 -16.97 32.65
C VAL A 501 30.44 -16.29 33.66
N VAL A 502 30.47 -16.78 34.91
CA VAL A 502 31.39 -16.22 35.89
C VAL A 502 32.83 -16.41 35.41
N LEU A 503 33.16 -17.61 34.94
CA LEU A 503 34.51 -17.86 34.44
C LEU A 503 34.83 -16.96 33.27
N VAL A 504 33.91 -16.83 32.32
CA VAL A 504 34.17 -16.04 31.11
C VAL A 504 34.39 -14.58 31.47
N VAL A 505 33.49 -14.02 32.27
CA VAL A 505 33.63 -12.62 32.66
C VAL A 505 34.90 -12.41 33.46
N ALA A 506 35.32 -13.41 34.23
CA ALA A 506 36.55 -13.28 34.98
C ALA A 506 37.76 -13.11 34.06
N PHE A 507 37.79 -13.86 32.96
CA PHE A 507 38.91 -13.84 32.04
C PHE A 507 38.70 -12.89 30.86
N GLU A 508 37.67 -12.05 30.91
CA GLU A 508 37.38 -11.10 29.84
C GLU A 508 37.24 -11.82 28.50
N GLY A 509 36.48 -12.91 28.50
CA GLY A 509 36.22 -13.65 27.28
C GLY A 509 35.38 -12.89 26.28
N SER A 510 34.69 -11.83 26.73
CA SER A 510 33.92 -11.00 25.81
C SER A 510 34.80 -10.22 24.85
N PHE A 511 36.12 -10.19 25.08
CA PHE A 511 37.02 -9.58 24.11
C PHE A 511 36.98 -10.29 22.77
N LEU A 512 36.59 -11.56 22.75
CA LEU A 512 36.50 -12.30 21.50
C LEU A 512 35.45 -11.71 20.56
N VAL A 513 34.55 -10.88 21.08
CA VAL A 513 33.54 -10.26 20.24
C VAL A 513 34.18 -9.39 19.16
N ARG A 514 35.39 -8.86 19.45
CA ARG A 514 36.09 -8.06 18.45
C ARG A 514 36.30 -8.83 17.15
N PHE A 515 36.46 -10.15 17.25
CA PHE A 515 36.69 -10.94 16.05
C PHE A 515 35.47 -10.95 15.13
N ILE A 516 34.27 -10.86 15.70
CA ILE A 516 33.05 -10.84 14.89
C ILE A 516 33.05 -9.58 14.04
N SER A 517 33.09 -9.75 12.73
CA SER A 517 33.18 -8.65 11.79
C SER A 517 31.79 -8.19 11.37
N ARG A 518 31.75 -7.09 10.61
CA ARG A 518 30.49 -6.64 10.03
C ARG A 518 29.88 -7.72 9.15
N TYR A 519 30.72 -8.57 8.55
CA TYR A 519 30.23 -9.70 7.78
C TYR A 519 29.21 -10.52 8.59
N THR A 520 29.67 -11.06 9.72
CA THR A 520 28.81 -11.91 10.54
C THR A 520 27.63 -11.12 11.11
N GLN A 521 27.87 -9.89 11.55
CA GLN A 521 26.79 -9.07 12.10
C GLN A 521 25.67 -8.91 11.08
N GLU A 522 26.02 -8.54 9.86
CA GLU A 522 25.00 -8.29 8.85
C GLU A 522 24.34 -9.57 8.38
N ILE A 523 25.11 -10.66 8.27
CA ILE A 523 24.52 -11.94 7.91
C ILE A 523 23.46 -12.32 8.95
N PHE A 524 23.82 -12.21 10.24
CA PHE A 524 22.91 -12.60 11.30
C PHE A 524 21.68 -11.70 11.33
N SER A 525 21.87 -10.38 11.17
CA SER A 525 20.72 -9.48 11.19
C SER A 525 19.79 -9.74 10.01
N PHE A 526 20.35 -9.94 8.82
CA PHE A 526 19.52 -10.23 7.65
C PHE A 526 18.77 -11.54 7.84
N LEU A 527 19.44 -12.57 8.36
CA LEU A 527 18.78 -13.84 8.59
C LEU A 527 17.65 -13.69 9.61
N ILE A 528 17.88 -12.93 10.67
CA ILE A 528 16.84 -12.76 11.69
C ILE A 528 15.64 -12.02 11.10
N SER A 529 15.89 -10.97 10.32
CA SER A 529 14.78 -10.23 9.72
C SER A 529 14.01 -11.11 8.73
N LEU A 530 14.72 -11.89 7.92
CA LEU A 530 14.04 -12.78 6.99
C LEU A 530 13.22 -13.82 7.74
N ILE A 531 13.75 -14.37 8.83
CA ILE A 531 13.01 -15.34 9.61
C ILE A 531 11.75 -14.69 10.18
N PHE A 532 11.86 -13.46 10.66
CA PHE A 532 10.71 -12.75 11.20
C PHE A 532 9.62 -12.59 10.15
N ILE A 533 10.00 -12.10 8.97
CA ILE A 533 9.02 -11.89 7.90
C ILE A 533 8.40 -13.21 7.48
N TYR A 534 9.23 -14.24 7.30
CA TYR A 534 8.72 -15.54 6.88
C TYR A 534 7.78 -16.12 7.92
N GLU A 535 8.08 -15.93 9.21
CA GLU A 535 7.19 -16.43 10.25
C GLU A 535 5.86 -15.70 10.24
N THR A 536 5.89 -14.38 10.01
CA THR A 536 4.62 -13.64 9.91
C THR A 536 3.79 -14.17 8.75
N PHE A 537 4.42 -14.36 7.58
CA PHE A 537 3.67 -14.88 6.44
C PHE A 537 3.21 -16.31 6.68
N SER A 538 3.99 -17.11 7.40
CA SER A 538 3.58 -18.47 7.73
C SER A 538 2.36 -18.46 8.65
N LYS A 539 2.32 -17.53 9.61
CA LYS A 539 1.14 -17.39 10.44
C LYS A 539 -0.07 -17.02 9.60
N LEU A 540 0.11 -16.13 8.62
CA LEU A 540 -1.00 -15.80 7.74
C LEU A 540 -1.47 -17.01 6.94
N ILE A 541 -0.53 -17.80 6.42
CA ILE A 541 -0.90 -19.01 5.68
C ILE A 541 -1.65 -19.97 6.59
N LYS A 542 -1.22 -20.08 7.84
CA LYS A 542 -1.91 -20.97 8.77
C LYS A 542 -3.33 -20.49 9.03
N ILE A 543 -3.51 -19.17 9.18
CA ILE A 543 -4.86 -18.64 9.34
C ILE A 543 -5.72 -18.98 8.14
N PHE A 544 -5.16 -18.83 6.93
CA PHE A 544 -5.92 -19.15 5.73
C PHE A 544 -6.27 -20.63 5.66
N GLN A 545 -5.33 -21.50 6.04
CA GLN A 545 -5.58 -22.93 5.96
C GLN A 545 -6.58 -23.40 7.01
N ASP A 546 -6.59 -22.77 8.19
CA ASP A 546 -7.53 -23.17 9.23
C ASP A 546 -8.96 -22.82 8.86
N HIS A 547 -9.15 -21.71 8.15
CA HIS A 547 -10.49 -21.23 7.75
C HIS A 547 -10.47 -20.91 6.26
N PRO A 548 -10.37 -21.93 5.40
CA PRO A 548 -10.28 -21.69 3.97
C PRO A 548 -11.57 -21.11 3.41
N LEU A 549 -11.43 -20.43 2.27
CA LEU A 549 -12.59 -19.90 1.56
C LEU A 549 -13.31 -21.06 0.87
N GLN A 550 -14.48 -21.42 1.37
CA GLN A 550 -15.25 -22.53 0.82
C GLN A 550 -16.69 -22.11 0.63
N LYS A 551 -17.38 -22.79 -0.29
CA LYS A 551 -18.75 -22.42 -0.62
C LYS A 551 -19.68 -22.64 0.57
N THR A 552 -19.49 -23.73 1.31
CA THR A 552 -20.38 -24.10 2.40
C THR A 552 -19.59 -24.23 3.70
N TYR A 553 -20.17 -23.71 4.77
CA TYR A 553 -19.61 -23.79 6.12
C TYR A 553 -20.62 -24.49 7.04
N ASN A 554 -20.20 -24.71 8.28
CA ASN A 554 -21.07 -25.21 9.34
C ASN A 554 -21.18 -24.14 10.41
N TYR A 555 -22.41 -23.83 10.81
CA TYR A 555 -22.68 -22.73 11.72
C TYR A 555 -22.93 -23.19 13.15
N ASN A 556 -22.69 -24.46 13.44
CA ASN A 556 -22.70 -24.98 14.80
C ASN A 556 -21.29 -25.27 15.31
N VAL A 557 -20.28 -24.66 14.70
CA VAL A 557 -18.90 -24.96 15.07
C VAL A 557 -18.63 -24.45 16.47
N LEU A 558 -18.06 -25.31 17.31
CA LEU A 558 -17.67 -24.92 18.65
C LEU A 558 -16.52 -23.92 18.60
N MET A 559 -16.60 -22.88 19.42
CA MET A 559 -15.63 -21.80 19.41
C MET A 559 -14.68 -21.85 20.60
N VAL A 560 -14.77 -22.90 21.43
CA VAL A 560 -13.95 -23.00 22.64
C VAL A 560 -13.20 -24.33 22.61
N PRO A 561 -11.87 -24.34 22.84
CA PRO A 561 -10.99 -23.20 23.12
C PRO A 561 -10.73 -22.38 21.86
N LYS A 562 -10.66 -23.04 20.72
CA LYS A 562 -10.48 -22.42 19.42
C LYS A 562 -11.54 -22.97 18.47
N PRO A 563 -11.82 -22.26 17.38
CA PRO A 563 -12.81 -22.77 16.42
C PRO A 563 -12.44 -24.18 15.96
N GLN A 564 -13.43 -25.05 15.93
CA GLN A 564 -13.23 -26.45 15.55
C GLN A 564 -13.41 -26.69 14.06
N GLY A 565 -13.78 -25.67 13.30
CA GLY A 565 -13.95 -25.82 11.88
C GLY A 565 -13.79 -24.49 11.15
N PRO A 566 -13.79 -24.54 9.82
CA PRO A 566 -13.65 -23.30 9.04
C PRO A 566 -14.78 -22.33 9.35
N LEU A 567 -14.46 -21.03 9.29
CA LEU A 567 -15.41 -19.98 9.54
C LEU A 567 -15.42 -19.01 8.36
N PRO A 568 -16.55 -18.35 8.11
CA PRO A 568 -16.62 -17.42 6.98
C PRO A 568 -16.06 -16.06 7.34
N ASN A 569 -15.31 -15.48 6.40
CA ASN A 569 -14.77 -14.12 6.46
C ASN A 569 -13.59 -14.01 7.42
N THR A 570 -13.19 -15.08 8.11
CA THR A 570 -12.12 -14.96 9.09
C THR A 570 -10.77 -14.75 8.39
N ALA A 571 -10.46 -15.57 7.39
CA ALA A 571 -9.16 -15.48 6.74
C ALA A 571 -8.98 -14.16 6.02
N LEU A 572 -9.98 -13.78 5.21
CA LEU A 572 -9.88 -12.53 4.46
C LEU A 572 -9.90 -11.33 5.39
N LEU A 573 -10.69 -11.39 6.46
CA LEU A 573 -10.71 -10.28 7.42
C LEU A 573 -9.36 -10.13 8.10
N SER A 574 -8.73 -11.25 8.48
CA SER A 574 -7.41 -11.18 9.09
C SER A 574 -6.39 -10.62 8.11
N LEU A 575 -6.45 -11.06 6.85
CA LEU A 575 -5.55 -10.52 5.84
C LEU A 575 -5.74 -9.03 5.67
N VAL A 576 -7.00 -8.58 5.63
CA VAL A 576 -7.29 -7.16 5.48
C VAL A 576 -6.76 -6.38 6.67
N LEU A 577 -6.97 -6.91 7.88
CA LEU A 577 -6.48 -6.21 9.07
C LEU A 577 -4.97 -6.08 9.06
N MET A 578 -4.27 -7.17 8.73
CA MET A 578 -2.81 -7.12 8.69
C MET A 578 -2.32 -6.13 7.65
N ALA A 579 -2.88 -6.19 6.44
CA ALA A 579 -2.48 -5.27 5.38
C ALA A 579 -2.77 -3.83 5.77
N GLY A 580 -3.93 -3.60 6.39
CA GLY A 580 -4.28 -2.24 6.78
C GLY A 580 -3.36 -1.68 7.83
N THR A 581 -3.03 -2.47 8.86
CA THR A 581 -2.13 -1.98 9.88
C THR A 581 -0.73 -1.74 9.31
N PHE A 582 -0.25 -2.63 8.44
CA PHE A 582 1.05 -2.43 7.83
C PHE A 582 1.07 -1.15 6.99
N PHE A 583 0.02 -0.95 6.18
CA PHE A 583 -0.04 0.23 5.32
C PHE A 583 -0.13 1.51 6.15
N PHE A 584 -0.94 1.50 7.21
CA PHE A 584 -1.04 2.67 8.08
C PHE A 584 0.29 2.98 8.74
N ALA A 585 0.98 1.96 9.24
CA ALA A 585 2.27 2.18 9.88
C ALA A 585 3.28 2.75 8.90
N MET A 586 3.33 2.20 7.68
CA MET A 586 4.27 2.71 6.69
C MET A 586 3.93 4.14 6.29
N MET A 587 2.65 4.44 6.12
CA MET A 587 2.26 5.79 5.74
C MET A 587 2.59 6.80 6.84
N LEU A 588 2.36 6.43 8.10
CA LEU A 588 2.73 7.32 9.19
C LEU A 588 4.25 7.46 9.30
N ARG A 589 5.00 6.40 9.01
CA ARG A 589 6.45 6.49 9.00
C ARG A 589 6.92 7.48 7.94
N LYS A 590 6.35 7.40 6.74
CA LYS A 590 6.69 8.36 5.70
C LYS A 590 6.29 9.77 6.11
N PHE A 591 5.11 9.92 6.72
CA PHE A 591 4.64 11.22 7.17
C PHE A 591 5.56 11.82 8.23
N LYS A 592 6.31 10.99 8.95
CA LYS A 592 7.20 11.50 9.99
C LYS A 592 8.25 12.44 9.39
N ASN A 593 8.86 12.03 8.29
CA ASN A 593 9.90 12.81 7.64
C ASN A 593 9.38 13.65 6.47
N SER A 594 8.08 13.67 6.24
CA SER A 594 7.53 14.44 5.14
C SER A 594 7.55 15.93 5.48
N SER A 595 6.97 16.73 4.60
CA SER A 595 6.92 18.18 4.77
C SER A 595 5.54 18.69 5.17
N TYR A 596 4.52 17.85 5.15
CA TYR A 596 3.17 18.30 5.47
C TYR A 596 3.02 18.54 6.97
N PHE A 597 2.08 19.42 7.31
CA PHE A 597 1.80 19.79 8.70
C PHE A 597 3.00 20.51 9.31
N PRO A 598 2.85 21.13 10.47
CA PRO A 598 4.00 21.74 11.13
C PRO A 598 5.09 20.72 11.38
N GLY A 599 6.24 21.22 11.82
CA GLY A 599 7.39 20.35 12.06
C GLY A 599 7.26 19.53 13.34
N LYS A 600 7.12 20.22 14.48
CA LYS A 600 7.03 19.51 15.75
C LYS A 600 5.82 18.59 15.79
N LEU A 601 4.67 19.08 15.33
CA LEU A 601 3.47 18.24 15.33
C LEU A 601 3.63 17.06 14.39
N ARG A 602 4.24 17.28 13.22
CA ARG A 602 4.45 16.17 12.29
C ARG A 602 5.32 15.10 12.91
N ARG A 603 6.41 15.51 13.56
CA ARG A 603 7.30 14.53 14.20
C ARG A 603 6.59 13.81 15.34
N VAL A 604 5.79 14.53 16.12
CA VAL A 604 5.08 13.92 17.23
C VAL A 604 4.12 12.85 16.71
N ILE A 605 3.36 13.18 15.66
CA ILE A 605 2.44 12.21 15.08
C ILE A 605 3.21 11.02 14.51
N GLY A 606 4.31 11.29 13.81
CA GLY A 606 5.07 10.20 13.22
C GLY A 606 5.65 9.25 14.24
N ASP A 607 6.06 9.79 15.40
CA ASP A 607 6.60 8.94 16.45
C ASP A 607 5.54 7.95 16.94
N PHE A 608 4.30 8.41 17.07
CA PHE A 608 3.18 7.56 17.47
C PHE A 608 2.53 6.86 16.28
N GLY A 609 3.27 6.67 15.19
CA GLY A 609 2.66 6.06 14.01
C GLY A 609 2.18 4.65 14.26
N VAL A 610 3.03 3.82 14.84
CA VAL A 610 2.69 2.41 15.06
C VAL A 610 1.54 2.29 16.05
N PRO A 611 1.59 2.97 17.20
CA PRO A 611 0.42 2.95 18.09
C PRO A 611 -0.85 3.41 17.41
N ILE A 612 -0.78 4.43 16.56
CA ILE A 612 -1.96 4.93 15.89
C ILE A 612 -2.52 3.90 14.92
N SER A 613 -1.64 3.23 14.16
CA SER A 613 -2.10 2.18 13.26
C SER A 613 -2.74 1.03 14.03
N ILE A 614 -2.11 0.63 15.15
CA ILE A 614 -2.67 -0.44 15.96
C ILE A 614 -4.05 -0.05 16.47
N LEU A 615 -4.18 1.18 16.96
CA LEU A 615 -5.47 1.63 17.47
C LEU A 615 -6.51 1.66 16.36
N ILE A 616 -6.14 2.16 15.18
CA ILE A 616 -7.10 2.26 14.08
C ILE A 616 -7.61 0.88 13.71
N MET A 617 -6.71 -0.08 13.52
CA MET A 617 -7.16 -1.41 13.09
C MET A 617 -7.87 -2.14 14.22
N VAL A 618 -7.47 -1.93 15.47
CA VAL A 618 -8.18 -2.54 16.59
C VAL A 618 -9.62 -2.03 16.64
N LEU A 619 -9.80 -0.73 16.47
CA LEU A 619 -11.16 -0.18 16.45
C LEU A 619 -11.94 -0.69 15.25
N VAL A 620 -11.29 -0.80 14.10
CA VAL A 620 -11.98 -1.28 12.90
C VAL A 620 -12.49 -2.70 13.14
N ASP A 621 -11.65 -3.56 13.72
CA ASP A 621 -12.10 -4.90 14.05
C ASP A 621 -13.19 -4.88 15.12
N PHE A 622 -13.06 -3.99 16.09
CA PHE A 622 -14.02 -3.93 17.18
C PHE A 622 -15.41 -3.58 16.67
N PHE A 623 -15.51 -2.66 15.72
CA PHE A 623 -16.80 -2.29 15.17
C PHE A 623 -17.40 -3.42 14.33
N ILE A 624 -16.57 -4.30 13.79
CA ILE A 624 -17.06 -5.50 13.12
C ILE A 624 -17.37 -6.54 14.19
N GLN A 625 -18.65 -6.90 14.32
CA GLN A 625 -19.09 -7.72 15.44
C GLN A 625 -19.53 -9.12 15.03
N ASP A 626 -19.84 -9.36 13.76
CA ASP A 626 -20.35 -10.64 13.31
C ASP A 626 -19.27 -11.52 12.69
N THR A 627 -18.00 -11.12 12.80
CA THR A 627 -16.88 -11.90 12.28
C THR A 627 -15.91 -12.22 13.41
N TYR A 628 -15.40 -13.44 13.40
CA TYR A 628 -14.46 -13.91 14.42
C TYR A 628 -13.03 -13.75 13.91
N THR A 629 -12.18 -13.15 14.74
CA THR A 629 -10.75 -13.08 14.48
C THR A 629 -10.02 -13.35 15.78
N GLN A 630 -8.91 -14.09 15.69
CA GLN A 630 -8.18 -14.47 16.89
C GLN A 630 -7.66 -13.24 17.60
N LYS A 631 -7.61 -13.31 18.92
CA LYS A 631 -7.20 -12.20 19.77
C LYS A 631 -6.09 -12.66 20.71
N LEU A 632 -5.36 -11.68 21.24
CA LEU A 632 -4.33 -11.99 22.23
C LEU A 632 -4.95 -12.65 23.45
N SER A 633 -4.32 -13.72 23.92
CA SER A 633 -4.78 -14.48 25.08
C SER A 633 -3.68 -14.49 26.13
N VAL A 634 -4.06 -14.18 27.38
CA VAL A 634 -3.13 -14.18 28.49
C VAL A 634 -3.69 -15.05 29.61
N PRO A 635 -2.85 -15.69 30.42
CA PRO A 635 -3.38 -16.50 31.52
C PRO A 635 -4.11 -15.64 32.54
N ASP A 636 -5.07 -16.28 33.23
CA ASP A 636 -5.92 -15.54 34.17
C ASP A 636 -5.10 -14.89 35.28
N GLY A 637 -4.13 -15.63 35.84
CA GLY A 637 -3.36 -15.11 36.95
C GLY A 637 -1.95 -15.68 36.95
N PHE A 638 -1.15 -15.18 37.89
CA PHE A 638 0.24 -15.63 38.06
C PHE A 638 0.23 -16.98 38.77
N LYS A 639 0.05 -18.03 37.98
CA LYS A 639 0.05 -19.39 38.47
C LYS A 639 0.96 -20.25 37.61
N VAL A 640 1.59 -21.24 38.24
CA VAL A 640 2.42 -22.18 37.50
C VAL A 640 1.56 -22.86 36.44
N SER A 641 2.14 -23.10 35.27
CA SER A 641 1.37 -23.67 34.17
C SER A 641 0.85 -25.05 34.51
N ASN A 642 1.68 -25.89 35.13
CA ASN A 642 1.31 -27.27 35.47
C ASN A 642 1.61 -27.46 36.96
N SER A 643 0.60 -27.21 37.80
CA SER A 643 0.81 -27.30 39.24
C SER A 643 1.19 -28.71 39.65
N SER A 644 0.55 -29.73 39.08
CA SER A 644 0.87 -31.09 39.44
C SER A 644 2.31 -31.45 39.08
N ALA A 645 2.78 -31.00 37.92
CA ALA A 645 4.09 -31.39 37.43
C ALA A 645 5.22 -30.66 38.15
N ARG A 646 4.96 -29.47 38.70
CA ARG A 646 6.03 -28.66 39.28
C ARG A 646 5.45 -27.70 40.29
N GLY A 647 6.35 -27.13 41.10
CA GLY A 647 6.04 -26.03 41.98
C GLY A 647 6.68 -24.74 41.52
N TRP A 648 6.47 -23.68 42.31
CA TRP A 648 7.05 -22.39 41.95
C TRP A 648 8.57 -22.44 41.99
N VAL A 649 9.14 -23.11 42.99
CA VAL A 649 10.58 -23.20 43.18
C VAL A 649 10.98 -24.66 43.00
N ILE A 650 11.91 -24.91 42.09
CA ILE A 650 12.39 -26.26 41.82
C ILE A 650 13.44 -26.63 42.86
N HIS A 651 13.55 -27.93 43.12
CA HIS A 651 14.57 -28.45 44.04
C HIS A 651 15.67 -29.10 43.23
N PRO A 652 16.91 -28.61 43.28
CA PRO A 652 17.96 -29.20 42.43
C PRO A 652 18.16 -30.69 42.65
N LEU A 653 18.05 -31.17 43.88
CA LEU A 653 18.31 -32.58 44.15
C LEU A 653 17.32 -33.46 43.40
N GLY A 654 16.04 -33.09 43.41
CA GLY A 654 15.02 -33.86 42.72
C GLY A 654 13.62 -33.43 43.07
N LEU A 655 12.71 -33.49 42.10
CA LEU A 655 11.33 -33.09 42.34
C LEU A 655 10.55 -34.22 43.01
N ARG A 656 10.43 -35.36 42.33
CA ARG A 656 9.81 -36.55 42.88
C ARG A 656 10.77 -37.72 43.05
N SER A 657 11.84 -37.76 42.26
CA SER A 657 12.83 -38.82 42.33
C SER A 657 14.23 -38.22 42.40
N GLU A 658 15.21 -39.05 42.75
CA GLU A 658 16.58 -38.58 42.88
C GLU A 658 17.18 -38.33 41.50
N PHE A 659 17.77 -37.15 41.32
CA PHE A 659 18.42 -36.84 40.07
C PHE A 659 19.75 -37.60 39.96
N PRO A 660 20.07 -38.15 38.79
CA PRO A 660 21.33 -38.89 38.68
C PRO A 660 22.54 -38.01 38.88
N ILE A 661 23.60 -38.61 39.41
CA ILE A 661 24.88 -37.90 39.52
C ILE A 661 25.49 -37.72 38.13
N TRP A 662 25.42 -38.75 37.29
CA TRP A 662 25.98 -38.63 35.95
C TRP A 662 25.28 -37.53 35.16
N MET A 663 23.97 -37.41 35.30
CA MET A 663 23.24 -36.39 34.54
C MET A 663 23.58 -34.99 35.03
N MET A 664 23.64 -34.79 36.35
CA MET A 664 23.98 -33.46 36.87
C MET A 664 25.40 -33.08 36.49
N PHE A 665 26.30 -34.05 36.39
CA PHE A 665 27.66 -33.73 35.96
C PHE A 665 27.77 -33.51 34.46
N ALA A 666 26.95 -34.21 33.66
CA ALA A 666 26.97 -34.06 32.22
C ALA A 666 26.15 -32.88 31.72
N SER A 667 25.35 -32.27 32.59
CA SER A 667 24.59 -31.08 32.21
C SER A 667 25.48 -29.93 31.76
N ALA A 668 26.80 -30.06 31.91
CA ALA A 668 27.69 -29.00 31.46
C ALA A 668 27.61 -28.80 29.95
N LEU A 669 27.52 -29.89 29.18
CA LEU A 669 27.47 -29.76 27.72
C LEU A 669 26.22 -29.03 27.24
N PRO A 670 25.00 -29.38 27.69
CA PRO A 670 23.86 -28.53 27.33
C PRO A 670 24.04 -27.10 27.78
N ALA A 671 24.69 -26.90 28.93
CA ALA A 671 25.00 -25.54 29.37
C ALA A 671 25.93 -24.85 28.38
N LEU A 672 26.87 -25.59 27.80
CA LEU A 672 27.75 -25.01 26.80
C LEU A 672 26.95 -24.61 25.55
N LEU A 673 26.03 -25.46 25.12
CA LEU A 673 25.22 -25.12 23.95
C LEU A 673 24.37 -23.88 24.21
N VAL A 674 23.73 -23.82 25.38
CA VAL A 674 22.90 -22.66 25.71
C VAL A 674 23.76 -21.41 25.83
N PHE A 675 24.97 -21.55 26.40
CA PHE A 675 25.86 -20.42 26.50
C PHE A 675 26.26 -19.91 25.12
N ILE A 676 26.56 -20.82 24.20
CA ILE A 676 26.90 -20.39 22.83
C ILE A 676 25.72 -19.64 22.23
N LEU A 677 24.51 -20.20 22.34
CA LEU A 677 23.32 -19.52 21.82
C LEU A 677 23.22 -18.10 22.37
N ILE A 678 23.15 -17.98 23.69
CA ILE A 678 22.91 -16.69 24.32
C ILE A 678 24.03 -15.72 24.03
N PHE A 679 25.28 -16.18 24.15
CA PHE A 679 26.42 -15.31 23.91
C PHE A 679 26.39 -14.77 22.49
N LEU A 680 26.27 -15.65 21.49
CA LEU A 680 26.26 -15.19 20.11
C LEU A 680 25.15 -14.18 19.89
N GLU A 681 23.91 -14.53 20.27
CA GLU A 681 22.79 -13.65 20.00
C GLU A 681 22.97 -12.30 20.68
N SER A 682 23.23 -12.31 21.99
CA SER A 682 23.29 -11.07 22.74
C SER A 682 24.46 -10.19 22.28
N GLN A 683 25.63 -10.79 22.07
CA GLN A 683 26.79 -10.00 21.69
C GLN A 683 26.64 -9.43 20.30
N ILE A 684 26.07 -10.20 19.35
CA ILE A 684 25.86 -9.65 18.02
C ILE A 684 24.83 -8.54 18.06
N THR A 685 23.78 -8.70 18.88
CA THR A 685 22.80 -7.63 19.02
C THR A 685 23.45 -6.37 19.60
N THR A 686 24.31 -6.54 20.61
CA THR A 686 25.01 -5.40 21.18
C THR A 686 25.89 -4.72 20.12
N LEU A 687 26.58 -5.51 19.30
CA LEU A 687 27.40 -4.93 18.25
C LEU A 687 26.56 -4.13 17.27
N ILE A 688 25.42 -4.67 16.85
CA ILE A 688 24.59 -3.97 15.88
C ILE A 688 24.05 -2.68 16.47
N VAL A 689 23.53 -2.74 17.70
CA VAL A 689 22.90 -1.55 18.28
C VAL A 689 23.93 -0.49 18.59
N SER A 690 25.12 -0.89 19.04
CA SER A 690 26.15 0.05 19.47
C SER A 690 27.04 0.53 18.33
N LYS A 691 26.60 0.39 17.08
CA LYS A 691 27.43 0.80 15.95
C LYS A 691 27.62 2.32 15.97
N PRO A 692 28.76 2.80 15.47
CA PRO A 692 28.96 4.27 15.42
C PRO A 692 27.91 4.98 14.60
N GLU A 693 27.40 4.36 13.53
CA GLU A 693 26.37 5.00 12.73
C GLU A 693 25.11 5.26 13.56
N ARG A 694 24.79 4.36 14.50
CA ARG A 694 23.63 4.56 15.35
C ARG A 694 23.74 5.82 16.19
N LYS A 695 24.95 6.37 16.35
CA LYS A 695 25.16 7.59 17.10
C LYS A 695 24.99 7.35 18.59
N MET A 696 25.34 6.14 19.05
CA MET A 696 25.33 5.84 20.47
C MET A 696 26.63 6.35 21.09
N VAL A 697 26.52 7.14 22.16
CA VAL A 697 27.67 7.86 22.70
C VAL A 697 27.96 7.45 24.13
N LYS A 698 26.94 7.01 24.87
CA LYS A 698 27.16 6.65 26.26
C LYS A 698 28.05 5.41 26.38
N GLY A 699 27.95 4.49 25.42
CA GLY A 699 28.81 3.32 25.41
C GLY A 699 28.18 2.11 26.06
N SER A 700 28.29 0.97 25.40
CA SER A 700 27.74 -0.29 25.90
C SER A 700 28.84 -1.14 26.54
N GLY A 701 28.42 -2.03 27.43
CA GLY A 701 29.33 -2.93 28.10
C GLY A 701 29.09 -4.38 27.74
N PHE A 702 30.02 -4.98 27.00
CA PHE A 702 29.86 -6.38 26.61
C PHE A 702 29.95 -7.30 27.82
N HIS A 703 30.84 -6.98 28.77
CA HIS A 703 31.05 -7.88 29.89
C HIS A 703 29.89 -7.82 30.88
N LEU A 704 29.36 -6.63 31.15
CA LEU A 704 28.27 -6.51 32.10
C LEU A 704 26.97 -7.08 31.52
N ASP A 705 26.71 -6.82 30.23
CA ASP A 705 25.49 -7.32 29.62
C ASP A 705 25.45 -8.85 29.62
N LEU A 706 26.55 -9.47 29.20
CA LEU A 706 26.61 -10.93 29.17
C LEU A 706 26.44 -11.51 30.56
N LEU A 707 27.16 -10.96 31.54
CA LEU A 707 27.04 -11.43 32.91
C LEU A 707 25.59 -11.36 33.36
N LEU A 708 24.97 -10.19 33.22
CA LEU A 708 23.59 -10.04 33.67
C LEU A 708 22.68 -11.05 32.98
N VAL A 709 22.75 -11.13 31.65
CA VAL A 709 21.82 -11.97 30.92
C VAL A 709 21.98 -13.43 31.34
N VAL A 710 23.20 -13.95 31.30
CA VAL A 710 23.39 -15.38 31.55
C VAL A 710 23.17 -15.72 33.00
N GLY A 711 23.64 -14.87 33.92
CA GLY A 711 23.39 -15.13 35.33
C GLY A 711 21.91 -15.11 35.68
N MET A 712 21.18 -14.14 35.13
CA MET A 712 19.74 -14.10 35.38
C MET A 712 19.05 -15.32 34.78
N GLY A 713 19.48 -15.76 33.60
CA GLY A 713 18.92 -16.97 33.03
C GLY A 713 19.17 -18.18 33.93
N GLY A 714 20.39 -18.29 34.46
CA GLY A 714 20.70 -19.40 35.35
C GLY A 714 19.90 -19.36 36.64
N VAL A 715 19.71 -18.16 37.19
CA VAL A 715 18.92 -18.04 38.40
C VAL A 715 17.45 -18.36 38.13
N ALA A 716 16.94 -17.95 36.97
CA ALA A 716 15.57 -18.25 36.60
C ALA A 716 15.37 -19.75 36.40
N ALA A 717 16.37 -20.42 35.84
CA ALA A 717 16.27 -21.86 35.65
C ALA A 717 15.94 -22.57 36.96
N LEU A 718 16.47 -22.06 38.08
CA LEU A 718 16.15 -22.64 39.37
C LEU A 718 14.66 -22.54 39.67
N PHE A 719 14.07 -21.37 39.41
CA PHE A 719 12.63 -21.21 39.57
C PHE A 719 11.85 -21.90 38.46
N GLY A 720 12.52 -22.42 37.44
CA GLY A 720 11.88 -23.11 36.36
C GLY A 720 11.45 -22.23 35.21
N MET A 721 11.65 -20.91 35.31
CA MET A 721 11.39 -20.02 34.20
C MET A 721 12.48 -20.18 33.14
N PRO A 722 12.20 -19.82 31.89
CA PRO A 722 13.21 -19.93 30.85
C PRO A 722 14.37 -18.98 31.08
N TRP A 723 15.41 -19.15 30.26
CA TRP A 723 16.52 -18.22 30.20
C TRP A 723 16.41 -17.41 28.92
N LEU A 724 16.48 -16.10 29.04
CA LEU A 724 16.21 -15.18 27.94
C LEU A 724 17.51 -14.56 27.43
N SER A 725 17.49 -14.17 26.16
CA SER A 725 18.62 -13.53 25.51
C SER A 725 18.15 -12.28 24.79
N ALA A 726 19.04 -11.30 24.67
CA ALA A 726 18.70 -10.09 23.94
C ALA A 726 18.38 -10.44 22.49
N THR A 727 17.24 -9.94 22.02
CA THR A 727 16.73 -10.29 20.71
C THR A 727 17.09 -9.20 19.70
N THR A 728 17.45 -9.62 18.50
CA THR A 728 17.95 -8.68 17.50
C THR A 728 16.85 -7.72 17.05
N VAL A 729 15.69 -8.25 16.66
CA VAL A 729 14.66 -7.40 16.08
C VAL A 729 14.06 -6.49 17.14
N ARG A 730 13.76 -7.04 18.32
CA ARG A 730 13.21 -6.23 19.39
C ARG A 730 14.17 -5.12 19.78
N SER A 731 15.45 -5.45 19.95
CA SER A 731 16.43 -4.45 20.35
C SER A 731 16.60 -3.37 19.28
N VAL A 732 16.66 -3.79 18.01
CA VAL A 732 16.83 -2.83 16.93
C VAL A 732 15.62 -1.91 16.84
N THR A 733 14.42 -2.47 16.99
CA THR A 733 13.21 -1.65 16.97
C THR A 733 13.18 -0.69 18.14
N HIS A 734 13.64 -1.14 19.32
CA HIS A 734 13.69 -0.26 20.47
C HIS A 734 14.67 0.89 20.24
N ALA A 735 15.83 0.59 19.64
CA ALA A 735 16.81 1.64 19.37
C ALA A 735 16.28 2.63 18.34
N ASN A 736 15.72 2.12 17.24
CA ASN A 736 15.23 3.01 16.19
C ASN A 736 14.06 3.86 16.67
N ALA A 737 13.22 3.29 17.54
CA ALA A 737 12.07 4.04 18.03
C ALA A 737 12.53 5.27 18.80
N LEU A 738 13.60 5.15 19.58
CA LEU A 738 14.13 6.28 20.33
C LEU A 738 14.99 7.20 19.47
N THR A 739 15.41 6.74 18.30
CA THR A 739 16.27 7.54 17.45
C THR A 739 15.52 8.77 16.92
N VAL A 740 16.18 9.92 16.96
CA VAL A 740 15.68 11.15 16.37
C VAL A 740 16.60 11.52 15.21
N MET A 741 16.00 11.76 14.04
CA MET A 741 16.76 12.07 12.83
C MET A 741 16.63 13.56 12.53
N GLY A 742 17.77 14.21 12.35
CA GLY A 742 17.80 15.64 12.10
C GLY A 742 17.60 15.97 10.63
N LYS A 743 17.77 17.25 10.32
CA LYS A 743 17.61 17.73 8.95
C LYS A 743 18.59 17.05 8.01
N ALA A 751 17.96 12.99 6.94
CA ALA A 751 18.44 11.69 6.47
C ALA A 751 19.62 11.19 7.30
N GLN A 752 19.94 11.93 8.36
CA GLN A 752 21.05 11.58 9.26
C GLN A 752 20.52 11.48 10.68
N ILE A 753 21.07 10.54 11.45
CA ILE A 753 20.63 10.28 12.81
C ILE A 753 21.25 11.37 13.70
N GLN A 754 20.44 12.35 14.09
CA GLN A 754 20.93 13.43 14.94
C GLN A 754 21.38 12.90 16.30
N GLU A 755 20.59 12.00 16.89
CA GLU A 755 20.87 11.52 18.23
C GLU A 755 19.96 10.32 18.50
N VAL A 756 20.29 9.57 19.55
CA VAL A 756 19.44 8.50 20.06
C VAL A 756 19.13 8.83 21.52
N LYS A 757 17.85 8.74 21.88
CA LYS A 757 17.43 8.98 23.26
C LYS A 757 17.76 7.74 24.08
N GLU A 758 18.98 7.70 24.61
CA GLU A 758 19.47 6.56 25.36
C GLU A 758 19.07 6.75 26.83
N GLN A 759 18.28 5.81 27.35
CA GLN A 759 17.75 5.91 28.71
C GLN A 759 17.26 4.54 29.14
N ARG A 760 17.02 4.42 30.45
CA ARG A 760 16.62 3.15 31.05
C ARG A 760 15.12 3.01 31.24
N ILE A 761 14.37 4.11 31.20
CA ILE A 761 12.96 4.05 31.57
C ILE A 761 12.15 3.29 30.53
N SER A 762 12.51 3.39 29.26
CA SER A 762 11.70 2.77 28.22
C SER A 762 11.65 1.25 28.38
N GLY A 763 12.83 0.62 28.47
CA GLY A 763 12.86 -0.83 28.66
C GLY A 763 12.28 -1.25 30.00
N LEU A 764 12.53 -0.47 31.04
CA LEU A 764 11.97 -0.78 32.35
C LEU A 764 10.45 -0.80 32.30
N LEU A 765 9.85 0.21 31.67
CA LEU A 765 8.40 0.28 31.58
C LEU A 765 7.85 -0.82 30.67
N VAL A 766 8.58 -1.15 29.60
CA VAL A 766 8.14 -2.25 28.74
C VAL A 766 8.09 -3.55 29.55
N ALA A 767 9.14 -3.81 30.33
CA ALA A 767 9.16 -5.03 31.14
C ALA A 767 8.08 -5.01 32.21
N VAL A 768 7.86 -3.86 32.84
CA VAL A 768 6.84 -3.76 33.87
C VAL A 768 5.46 -4.05 33.28
N LEU A 769 5.18 -3.47 32.11
CA LEU A 769 3.88 -3.71 31.47
C LEU A 769 3.74 -5.17 31.06
N VAL A 770 4.81 -5.77 30.54
CA VAL A 770 4.76 -7.19 30.18
C VAL A 770 4.44 -8.03 31.42
N GLY A 771 5.04 -7.67 32.56
CA GLY A 771 4.69 -8.36 33.79
C GLY A 771 3.25 -8.12 34.22
N LEU A 772 2.73 -6.93 33.94
CA LEU A 772 1.35 -6.59 34.27
C LEU A 772 0.36 -7.03 33.20
N SER A 773 0.83 -7.61 32.10
CA SER A 773 -0.07 -8.01 31.02
C SER A 773 -1.09 -9.02 31.49
N ILE A 774 -0.74 -9.84 32.49
CA ILE A 774 -1.69 -10.83 32.99
C ILE A 774 -2.87 -10.15 33.65
N LEU A 775 -2.63 -9.02 34.32
CA LEU A 775 -3.72 -8.26 34.92
C LEU A 775 -4.51 -7.46 33.89
N MET A 776 -3.88 -7.08 32.80
CA MET A 776 -4.54 -6.30 31.75
C MET A 776 -5.20 -7.20 30.72
N GLU A 777 -6.00 -8.17 31.19
CA GLU A 777 -6.70 -9.06 30.28
C GLU A 777 -7.75 -8.35 29.46
N PRO A 778 -8.65 -7.53 30.04
CA PRO A 778 -9.75 -6.99 29.21
C PRO A 778 -9.29 -6.17 28.02
N ILE A 779 -8.25 -5.34 28.19
CA ILE A 779 -7.76 -4.55 27.07
C ILE A 779 -7.05 -5.43 26.06
N LEU A 780 -6.25 -6.40 26.55
CA LEU A 780 -5.46 -7.22 25.64
C LEU A 780 -6.33 -8.12 24.78
N SER A 781 -7.42 -8.63 25.34
CA SER A 781 -8.27 -9.55 24.59
C SER A 781 -8.94 -8.88 23.40
N ARG A 782 -8.94 -7.55 23.33
CA ARG A 782 -9.60 -6.85 22.23
C ARG A 782 -8.71 -6.76 21.00
N ILE A 783 -7.40 -6.92 21.14
CA ILE A 783 -6.46 -6.71 20.05
C ILE A 783 -6.38 -7.97 19.19
N PRO A 784 -6.71 -7.90 17.89
CA PRO A 784 -6.55 -9.09 17.04
C PRO A 784 -5.08 -9.42 16.81
N LEU A 785 -4.85 -10.69 16.45
CA LEU A 785 -3.51 -11.13 16.12
C LEU A 785 -3.07 -10.67 14.74
N ALA A 786 -4.02 -10.41 13.84
CA ALA A 786 -3.67 -9.95 12.50
C ALA A 786 -3.01 -8.57 12.56
N VAL A 787 -3.51 -7.70 13.44
CA VAL A 787 -2.90 -6.39 13.60
C VAL A 787 -1.45 -6.52 14.03
N LEU A 788 -1.19 -7.41 14.99
CA LEU A 788 0.18 -7.62 15.45
C LEU A 788 1.03 -8.28 14.37
N PHE A 789 0.44 -9.14 13.54
CA PHE A 789 1.19 -9.74 12.43
C PHE A 789 1.63 -8.67 11.45
N GLY A 790 0.74 -7.74 11.13
CA GLY A 790 1.12 -6.64 10.25
C GLY A 790 2.18 -5.76 10.89
N ILE A 791 2.05 -5.52 12.20
CA ILE A 791 3.07 -4.73 12.90
C ILE A 791 4.43 -5.44 12.84
N PHE A 792 4.43 -6.76 12.91
CA PHE A 792 5.68 -7.51 12.88
C PHE A 792 6.29 -7.50 11.48
N LEU A 793 5.45 -7.58 10.45
CA LEU A 793 5.94 -7.38 9.08
C LEU A 793 6.58 -6.00 8.95
N TYR A 794 5.93 -4.98 9.51
CA TYR A 794 6.50 -3.64 9.51
C TYR A 794 7.83 -3.60 10.24
N MET A 795 7.91 -4.27 11.39
CA MET A 795 9.16 -4.28 12.16
C MET A 795 10.29 -4.91 11.37
N GLY A 796 10.02 -6.05 10.72
CA GLY A 796 11.05 -6.67 9.91
C GLY A 796 11.50 -5.78 8.77
N VAL A 797 10.53 -5.19 8.05
CA VAL A 797 10.87 -4.35 6.91
C VAL A 797 11.72 -3.16 7.36
N THR A 798 11.33 -2.52 8.46
CA THR A 798 12.07 -1.37 8.97
C THR A 798 13.46 -1.79 9.45
N SER A 799 13.57 -2.93 10.12
CA SER A 799 14.86 -3.39 10.60
C SER A 799 15.79 -3.78 9.46
N LEU A 800 15.25 -4.06 8.27
CA LEU A 800 16.11 -4.32 7.12
C LEU A 800 16.84 -3.07 6.63
N SER A 801 16.51 -1.89 7.15
CA SER A 801 17.02 -0.65 6.57
C SER A 801 18.53 -0.51 6.73
N GLY A 802 19.03 -0.71 7.94
CA GLY A 802 20.41 -0.36 8.25
C GLY A 802 21.47 -1.34 7.80
N ILE A 803 21.10 -2.44 7.18
CA ILE A 803 22.04 -3.48 6.78
C ILE A 803 22.61 -3.14 5.41
N GLN A 804 23.94 -3.17 5.30
CA GLN A 804 24.57 -2.94 4.00
C GLN A 804 24.39 -4.12 3.07
N LEU A 805 24.23 -5.33 3.62
CA LEU A 805 23.95 -6.49 2.78
C LEU A 805 22.64 -6.31 2.02
N PHE A 806 21.61 -5.78 2.70
CA PHE A 806 20.35 -5.50 2.01
C PHE A 806 20.54 -4.47 0.93
N ASP A 807 21.34 -3.43 1.21
CA ASP A 807 21.58 -2.40 0.21
C ASP A 807 22.27 -2.97 -1.02
N ARG A 808 23.27 -3.83 -0.82
CA ARG A 808 23.95 -4.44 -1.95
C ARG A 808 23.03 -5.42 -2.70
N ILE A 809 22.16 -6.12 -1.98
CA ILE A 809 21.17 -6.97 -2.64
C ILE A 809 20.28 -6.12 -3.54
N LEU A 810 19.86 -4.96 -3.06
CA LEU A 810 19.09 -4.05 -3.90
C LEU A 810 19.91 -3.58 -5.09
N LEU A 811 21.19 -3.26 -4.87
CA LEU A 811 22.03 -2.79 -5.96
C LEU A 811 22.22 -3.87 -7.03
N LEU A 812 22.07 -5.14 -6.64
CA LEU A 812 22.14 -6.20 -7.64
C LEU A 812 21.17 -5.93 -8.79
N PHE A 813 20.01 -5.37 -8.48
CA PHE A 813 19.00 -5.11 -9.50
C PHE A 813 19.23 -3.77 -10.19
N LYS A 814 19.67 -2.77 -9.44
CA LYS A 814 19.89 -1.45 -10.03
C LYS A 814 20.99 -1.53 -11.09
N PRO A 815 20.86 -0.82 -12.21
CA PRO A 815 21.96 -0.78 -13.16
C PRO A 815 23.17 -0.12 -12.55
N PRO A 816 24.37 -0.41 -13.07
CA PRO A 816 25.58 0.13 -12.44
C PRO A 816 25.58 1.65 -12.32
N LYS A 817 25.03 2.36 -13.31
CA LYS A 817 25.10 3.82 -13.27
C LYS A 817 24.31 4.40 -12.11
N TYR A 818 23.27 3.69 -11.66
CA TYR A 818 22.43 4.17 -10.57
C TYR A 818 22.96 3.81 -9.19
N HIS A 819 24.09 3.13 -9.11
CA HIS A 819 24.64 2.75 -7.82
C HIS A 819 25.04 4.00 -7.04
N PRO A 820 24.85 4.02 -5.71
CA PRO A 820 25.23 5.21 -4.94
C PRO A 820 26.74 5.35 -4.85
N ASP A 821 27.17 6.57 -4.53
CA ASP A 821 28.59 6.88 -4.37
C ASP A 821 28.99 6.56 -2.95
N VAL A 822 29.44 5.32 -2.74
CA VAL A 822 29.89 4.88 -1.42
C VAL A 822 31.25 4.21 -1.59
N PRO A 823 32.02 4.08 -0.51
CA PRO A 823 33.39 3.58 -0.64
C PRO A 823 33.48 2.23 -1.35
N TYR A 824 32.55 1.32 -1.08
CA TYR A 824 32.64 -0.01 -1.70
C TYR A 824 32.12 -0.02 -3.13
N VAL A 825 31.20 0.87 -3.46
CA VAL A 825 30.70 0.93 -4.84
C VAL A 825 31.77 1.47 -5.77
N LYS A 826 32.43 2.56 -5.37
CA LYS A 826 33.36 3.24 -6.27
C LYS A 826 34.69 2.50 -6.39
N ARG A 827 35.18 1.91 -5.29
CA ARG A 827 36.50 1.31 -5.27
C ARG A 827 36.48 -0.19 -5.58
N VAL A 828 35.31 -0.77 -5.87
CA VAL A 828 35.18 -2.18 -6.16
C VAL A 828 34.52 -2.33 -7.53
N LYS A 829 35.14 -3.13 -8.40
CA LYS A 829 34.51 -3.45 -9.67
C LYS A 829 33.14 -4.08 -9.41
N THR A 830 32.15 -3.69 -10.22
CA THR A 830 30.78 -4.10 -9.94
C THR A 830 30.65 -5.61 -9.82
N TRP A 831 31.34 -6.35 -10.67
CA TRP A 831 31.20 -7.81 -10.65
C TRP A 831 31.82 -8.39 -9.38
N ARG A 832 32.92 -7.81 -8.89
CA ARG A 832 33.52 -8.31 -7.66
C ARG A 832 32.63 -8.06 -6.46
N MET A 833 32.03 -6.86 -6.37
CA MET A 833 31.09 -6.57 -5.29
C MET A 833 29.89 -7.49 -5.38
N HIS A 834 29.42 -7.75 -6.60
CA HIS A 834 28.28 -8.65 -6.77
C HIS A 834 28.65 -10.07 -6.32
N LEU A 835 29.88 -10.49 -6.59
CA LEU A 835 30.34 -11.80 -6.11
C LEU A 835 30.37 -11.83 -4.59
N PHE A 836 30.82 -10.73 -3.97
CA PHE A 836 30.80 -10.64 -2.51
C PHE A 836 29.38 -10.81 -1.98
N THR A 837 28.43 -10.08 -2.55
CA THR A 837 27.05 -10.20 -2.13
C THR A 837 26.51 -11.61 -2.38
N GLY A 838 26.93 -12.24 -3.48
CA GLY A 838 26.49 -13.59 -3.76
C GLY A 838 27.01 -14.60 -2.75
N ILE A 839 28.26 -14.43 -2.33
CA ILE A 839 28.80 -15.30 -1.28
C ILE A 839 28.02 -15.11 0.01
N GLN A 840 27.72 -13.86 0.36
CA GLN A 840 26.90 -13.62 1.55
C GLN A 840 25.52 -14.26 1.42
N ILE A 841 24.95 -14.19 0.22
CA ILE A 841 23.63 -14.80 -0.01
C ILE A 841 23.71 -16.31 0.13
N ILE A 842 24.79 -16.91 -0.35
CA ILE A 842 24.98 -18.35 -0.19
C ILE A 842 25.08 -18.70 1.29
N CYS A 843 25.80 -17.89 2.06
CA CYS A 843 25.88 -18.11 3.50
C CYS A 843 24.49 -18.03 4.13
N LEU A 844 23.70 -17.04 3.73
CA LEU A 844 22.34 -16.92 4.26
C LEU A 844 21.50 -18.14 3.90
N ALA A 845 21.62 -18.62 2.67
CA ALA A 845 20.86 -19.80 2.26
C ALA A 845 21.27 -21.03 3.06
N VAL A 846 22.57 -21.21 3.29
CA VAL A 846 23.02 -22.36 4.08
C VAL A 846 22.50 -22.25 5.50
N LEU A 847 22.55 -21.05 6.09
CA LEU A 847 22.03 -20.87 7.45
C LEU A 847 20.54 -21.16 7.51
N TRP A 848 19.79 -20.71 6.51
CA TRP A 848 18.35 -20.99 6.47
C TRP A 848 18.09 -22.48 6.36
N VAL A 849 18.85 -23.17 5.52
CA VAL A 849 18.68 -24.61 5.36
C VAL A 849 18.94 -25.32 6.68
N VAL A 850 20.01 -24.92 7.37
CA VAL A 850 20.33 -25.53 8.67
C VAL A 850 19.22 -25.24 9.67
N LYS A 851 18.68 -24.02 9.64
CA LYS A 851 17.59 -23.67 10.55
C LYS A 851 16.37 -24.55 10.31
N SER A 852 16.03 -24.78 9.04
CA SER A 852 14.86 -25.62 8.73
C SER A 852 15.13 -27.09 9.05
N THR A 853 16.37 -27.54 8.90
CA THR A 853 16.68 -28.94 9.09
C THR A 853 16.59 -29.31 10.57
N PRO A 854 16.43 -30.60 10.88
CA PRO A 854 16.24 -30.98 12.28
C PRO A 854 17.36 -30.54 13.21
N ALA A 855 18.60 -30.51 12.72
CA ALA A 855 19.74 -30.04 13.50
C ALA A 855 19.84 -28.51 13.46
N SER A 856 18.75 -27.87 13.87
CA SER A 856 18.72 -26.41 13.92
C SER A 856 19.63 -25.85 15.00
N LEU A 857 20.00 -26.67 15.99
CA LEU A 857 20.86 -26.20 17.07
C LEU A 857 22.30 -25.98 16.62
N ALA A 858 22.66 -26.41 15.42
CA ALA A 858 23.99 -26.15 14.89
C ALA A 858 24.10 -24.78 14.24
N LEU A 859 23.01 -24.02 14.18
CA LEU A 859 23.06 -22.70 13.54
C LEU A 859 24.12 -21.80 14.16
N PRO A 860 24.26 -21.70 15.49
CA PRO A 860 25.31 -20.85 16.05
C PRO A 860 26.70 -21.26 15.60
N PHE A 861 26.95 -22.55 15.42
CA PHE A 861 28.27 -22.98 14.99
C PHE A 861 28.55 -22.56 13.55
N VAL A 862 27.54 -22.61 12.68
CA VAL A 862 27.73 -22.11 11.32
C VAL A 862 27.92 -20.61 11.32
N LEU A 863 27.19 -19.90 12.19
CA LEU A 863 27.37 -18.46 12.30
C LEU A 863 28.79 -18.13 12.72
N ILE A 864 29.34 -18.91 13.66
CA ILE A 864 30.74 -18.73 14.05
C ILE A 864 31.66 -19.08 12.90
N LEU A 865 31.32 -20.13 12.14
CA LEU A 865 32.17 -20.54 11.02
C LEU A 865 32.24 -19.47 9.95
N THR A 866 31.23 -18.62 9.85
CA THR A 866 31.31 -17.52 8.90
C THR A 866 32.51 -16.61 9.21
N VAL A 867 32.92 -16.53 10.48
CA VAL A 867 34.09 -15.73 10.82
C VAL A 867 35.35 -16.27 10.16
N PRO A 868 35.70 -17.56 10.27
CA PRO A 868 36.82 -18.07 9.49
C PRO A 868 36.68 -17.83 7.99
N LEU A 869 35.46 -17.89 7.46
CA LEU A 869 35.27 -17.62 6.05
C LEU A 869 35.75 -16.22 5.70
N ARG A 870 35.44 -15.24 6.54
CA ARG A 870 35.89 -13.88 6.28
C ARG A 870 37.38 -13.72 6.50
N ARG A 871 37.90 -14.28 7.60
CA ARG A 871 39.28 -14.02 7.98
C ARG A 871 40.29 -14.79 7.15
N VAL A 872 39.91 -15.93 6.57
CA VAL A 872 40.86 -16.81 5.91
C VAL A 872 40.53 -16.96 4.43
N LEU A 873 39.33 -17.47 4.14
CA LEU A 873 38.98 -17.79 2.75
C LEU A 873 38.86 -16.52 1.92
N LEU A 874 38.13 -15.52 2.40
CA LEU A 874 37.83 -14.36 1.58
C LEU A 874 39.07 -13.65 1.06
N PRO A 875 40.13 -13.44 1.84
CA PRO A 875 41.31 -12.76 1.30
C PRO A 875 41.87 -13.40 0.05
N LEU A 876 41.77 -14.72 -0.09
CA LEU A 876 42.26 -15.37 -1.30
C LEU A 876 41.51 -14.89 -2.54
N ILE A 877 40.18 -14.82 -2.46
CA ILE A 877 39.39 -14.41 -3.62
C ILE A 877 39.57 -12.93 -3.89
N PHE A 878 39.48 -12.10 -2.85
CA PHE A 878 39.40 -10.66 -2.98
C PHE A 878 40.71 -10.00 -2.55
N ARG A 879 40.99 -8.84 -3.14
CA ARG A 879 42.13 -8.04 -2.72
C ARG A 879 41.85 -7.41 -1.35
N ASN A 880 42.93 -6.99 -0.68
CA ASN A 880 42.79 -6.44 0.65
C ASN A 880 41.95 -5.17 0.64
N VAL A 881 42.16 -4.30 -0.34
CA VAL A 881 41.46 -3.02 -0.38
C VAL A 881 39.96 -3.24 -0.51
N GLU A 882 39.54 -4.17 -1.38
CA GLU A 882 38.11 -4.42 -1.57
C GLU A 882 37.48 -4.92 -0.29
N LEU A 883 38.17 -5.81 0.43
CA LEU A 883 37.66 -6.28 1.72
C LEU A 883 37.56 -5.13 2.71
N GLN A 884 38.55 -4.24 2.70
CA GLN A 884 38.50 -3.09 3.62
C GLN A 884 37.28 -2.22 3.34
N CYS A 885 36.99 -1.96 2.06
CA CYS A 885 35.84 -1.11 1.74
C CYS A 885 34.53 -1.83 2.06
N LEU A 886 34.40 -3.09 1.65
CA LEU A 886 33.11 -3.77 1.79
C LEU A 886 32.81 -4.13 3.24
N ASP A 887 33.83 -4.55 3.98
CA ASP A 887 33.67 -5.06 5.34
C ASP A 887 34.20 -4.06 6.37
N ALA A 888 34.02 -2.76 6.12
CA ALA A 888 34.50 -1.76 7.05
C ALA A 888 33.76 -1.85 8.38
N ASP A 889 34.48 -1.53 9.46
CA ASP A 889 33.87 -1.58 10.78
C ASP A 889 32.76 -0.54 10.92
N ASP A 890 32.96 0.66 10.37
CA ASP A 890 32.01 1.75 10.48
C ASP A 890 31.77 2.35 9.10
N ALA A 891 30.81 3.28 9.04
CA ALA A 891 30.47 3.96 7.79
C ALA A 891 31.37 5.18 7.62
N LYS A 892 32.64 4.88 7.31
CA LYS A 892 33.64 5.92 7.09
C LYS A 892 34.73 5.38 6.18
N ALA A 893 35.49 6.30 5.60
CA ALA A 893 36.59 5.94 4.70
C ALA A 893 37.84 5.66 5.51
N THR A 894 38.41 4.47 5.33
CA THR A 894 39.62 4.08 6.05
C THR A 894 39.38 4.13 7.56
N PRO B 371 -5.56 29.55 -32.45
CA PRO B 371 -6.54 28.86 -33.30
C PRO B 371 -7.98 29.15 -32.89
N LEU B 372 -8.17 29.68 -31.68
CA LEU B 372 -9.51 29.97 -31.19
C LEU B 372 -10.11 31.21 -31.86
N GLN B 373 -9.27 32.14 -32.30
CA GLN B 373 -9.77 33.36 -32.91
C GLN B 373 -10.59 33.04 -34.15
N GLN B 374 -11.70 33.76 -34.31
CA GLN B 374 -12.57 33.56 -35.47
C GLN B 374 -11.87 34.04 -36.73
N THR B 375 -12.00 33.27 -37.81
CA THR B 375 -11.40 33.62 -39.09
C THR B 375 -12.20 34.69 -39.81
N GLY B 376 -13.46 34.92 -39.43
CA GLY B 376 -14.32 35.88 -40.08
C GLY B 376 -15.19 35.29 -41.19
N GLN B 377 -14.96 34.04 -41.58
CA GLN B 377 -15.74 33.37 -42.60
C GLN B 377 -16.45 32.17 -41.98
N LEU B 378 -17.65 31.89 -42.47
CA LEU B 378 -18.42 30.77 -41.96
C LEU B 378 -17.66 29.47 -42.21
N PHE B 379 -17.65 28.59 -41.20
CA PHE B 379 -16.95 27.32 -41.25
C PHE B 379 -15.45 27.49 -41.46
N GLY B 380 -14.92 28.69 -41.18
CA GLY B 380 -13.50 28.91 -41.32
C GLY B 380 -12.67 28.13 -40.31
N GLY B 381 -13.15 28.05 -39.07
CA GLY B 381 -12.42 27.31 -38.05
C GLY B 381 -12.29 25.84 -38.39
N LEU B 382 -13.36 25.23 -38.91
CA LEU B 382 -13.31 23.81 -39.26
C LEU B 382 -12.28 23.56 -40.36
N VAL B 383 -12.28 24.40 -41.40
CA VAL B 383 -11.33 24.21 -42.50
C VAL B 383 -9.91 24.45 -42.00
N ARG B 384 -9.71 25.44 -41.13
CA ARG B 384 -8.38 25.64 -40.58
C ARG B 384 -7.91 24.44 -39.78
N ASP B 385 -8.79 23.87 -38.96
CA ASP B 385 -8.43 22.71 -38.16
C ASP B 385 -8.08 21.52 -39.04
N ILE B 386 -8.90 21.25 -40.05
CA ILE B 386 -8.62 20.10 -40.92
C ILE B 386 -7.34 20.35 -41.70
N ARG B 387 -7.10 21.59 -42.14
CA ARG B 387 -5.86 21.89 -42.84
C ARG B 387 -4.65 21.62 -41.95
N ARG B 388 -4.72 22.07 -40.70
CA ARG B 388 -3.58 21.88 -39.80
C ARG B 388 -3.36 20.41 -39.48
N ARG B 389 -4.43 19.64 -39.33
CA ARG B 389 -4.31 18.27 -38.86
C ARG B 389 -4.09 17.25 -39.97
N TYR B 390 -4.47 17.56 -41.22
CA TYR B 390 -4.30 16.60 -42.30
C TYR B 390 -2.86 16.18 -42.53
N PRO B 391 -1.88 17.10 -42.58
CA PRO B 391 -0.52 16.66 -42.93
C PRO B 391 0.05 15.61 -41.99
N TYR B 392 -0.26 15.68 -40.70
CA TYR B 392 0.27 14.72 -39.74
C TYR B 392 -0.41 13.37 -39.83
N TYR B 393 -1.47 13.24 -40.62
CA TYR B 393 -2.23 11.99 -40.66
C TYR B 393 -1.34 10.80 -40.96
N LEU B 394 -0.41 10.95 -41.91
CA LEU B 394 0.51 9.85 -42.21
C LEU B 394 1.37 9.51 -41.01
N SER B 395 1.86 10.53 -40.29
CA SER B 395 2.68 10.27 -39.12
C SER B 395 1.88 9.66 -37.98
N ASP B 396 0.56 9.88 -37.95
CA ASP B 396 -0.25 9.34 -36.89
C ASP B 396 -0.23 7.82 -36.89
N ILE B 397 -0.35 7.22 -38.07
CA ILE B 397 -0.30 5.76 -38.17
C ILE B 397 1.09 5.24 -37.87
N THR B 398 2.12 5.95 -38.35
CA THR B 398 3.50 5.51 -38.13
C THR B 398 3.84 5.50 -36.65
N ASP B 399 3.40 6.52 -35.91
CA ASP B 399 3.73 6.61 -34.49
C ASP B 399 3.18 5.45 -33.69
N ALA B 400 2.13 4.78 -34.18
CA ALA B 400 1.45 3.75 -33.42
C ALA B 400 2.30 2.50 -33.19
N PHE B 401 3.43 2.36 -33.88
CA PHE B 401 4.25 1.15 -33.79
C PHE B 401 5.18 1.27 -32.60
N SER B 402 4.72 0.78 -31.44
CA SER B 402 5.54 0.74 -30.23
C SER B 402 4.82 -0.05 -29.15
N PRO B 403 5.55 -0.72 -28.24
CA PRO B 403 4.87 -1.45 -27.16
C PRO B 403 4.01 -0.56 -26.28
N GLN B 404 4.43 0.69 -26.07
CA GLN B 404 3.64 1.64 -25.30
C GLN B 404 2.25 1.78 -25.90
N VAL B 405 2.14 1.70 -27.23
CA VAL B 405 0.84 1.80 -27.88
C VAL B 405 -0.05 0.65 -27.47
N LEU B 406 0.50 -0.58 -27.47
CA LEU B 406 -0.29 -1.73 -27.07
C LEU B 406 -0.71 -1.63 -25.60
N ALA B 407 0.21 -1.20 -24.74
CA ALA B 407 -0.12 -1.06 -23.33
C ALA B 407 -1.26 -0.07 -23.13
N ALA B 408 -1.16 1.09 -23.78
CA ALA B 408 -2.22 2.08 -23.68
C ALA B 408 -3.52 1.55 -24.25
N VAL B 409 -3.44 0.79 -25.35
CA VAL B 409 -4.64 0.22 -25.94
C VAL B 409 -5.34 -0.67 -24.94
N ILE B 410 -4.59 -1.56 -24.28
CA ILE B 410 -5.21 -2.48 -23.33
C ILE B 410 -5.82 -1.70 -22.16
N PHE B 411 -5.04 -0.77 -21.60
CA PHE B 411 -5.51 -0.03 -20.43
C PHE B 411 -6.78 0.75 -20.74
N ILE B 412 -6.75 1.56 -21.81
CA ILE B 412 -7.92 2.34 -22.18
C ILE B 412 -9.05 1.44 -22.63
N TYR B 413 -8.76 0.26 -23.17
CA TYR B 413 -9.80 -0.67 -23.55
C TYR B 413 -10.60 -1.10 -22.34
N PHE B 414 -9.91 -1.50 -21.28
CA PHE B 414 -10.61 -1.85 -20.05
C PHE B 414 -11.36 -0.64 -19.50
N ALA B 415 -10.68 0.51 -19.45
CA ALA B 415 -11.25 1.71 -18.85
C ALA B 415 -12.50 2.18 -19.60
N ALA B 416 -12.60 1.87 -20.89
CA ALA B 416 -13.75 2.26 -21.68
C ALA B 416 -14.83 1.18 -21.68
N LEU B 417 -14.43 -0.09 -21.70
CA LEU B 417 -15.41 -1.16 -21.75
C LEU B 417 -16.22 -1.22 -20.46
N SER B 418 -15.54 -1.23 -19.30
CA SER B 418 -16.26 -1.44 -18.06
C SER B 418 -17.31 -0.37 -17.81
N PRO B 419 -17.01 0.93 -17.86
CA PRO B 419 -18.05 1.93 -17.68
C PRO B 419 -19.16 1.83 -18.72
N ALA B 420 -18.82 1.41 -19.94
CA ALA B 420 -19.86 1.24 -20.95
C ALA B 420 -20.91 0.24 -20.49
N ILE B 421 -20.47 -0.92 -19.99
CA ILE B 421 -21.40 -1.93 -19.50
C ILE B 421 -22.16 -1.40 -18.29
N THR B 422 -21.46 -0.75 -17.36
CA THR B 422 -22.13 -0.23 -16.18
C THR B 422 -23.26 0.72 -16.55
N PHE B 423 -22.95 1.72 -17.39
CA PHE B 423 -23.95 2.70 -17.78
C PHE B 423 -25.05 2.07 -18.61
N GLY B 424 -24.72 1.11 -19.48
CA GLY B 424 -25.74 0.45 -20.26
C GLY B 424 -26.72 -0.31 -19.38
N GLY B 425 -26.21 -1.05 -18.39
CA GLY B 425 -27.10 -1.74 -17.47
C GLY B 425 -27.97 -0.79 -16.68
N LEU B 426 -27.38 0.29 -16.17
CA LEU B 426 -28.17 1.26 -15.40
C LEU B 426 -29.24 1.90 -16.28
N LEU B 427 -28.90 2.26 -17.51
CA LEU B 427 -29.85 2.88 -18.42
C LEU B 427 -30.97 1.90 -18.79
N GLY B 428 -30.63 0.63 -19.00
CA GLY B 428 -31.66 -0.36 -19.24
C GLY B 428 -32.58 -0.50 -18.05
N GLU B 429 -32.04 -0.46 -16.83
CA GLU B 429 -32.89 -0.50 -15.66
C GLU B 429 -33.83 0.70 -15.61
N LYS B 430 -33.32 1.89 -15.95
CA LYS B 430 -34.14 3.09 -15.86
C LYS B 430 -35.15 3.19 -16.99
N THR B 431 -34.84 2.64 -18.16
CA THR B 431 -35.65 2.82 -19.36
C THR B 431 -36.51 1.61 -19.69
N ARG B 432 -36.60 0.63 -18.78
CA ARG B 432 -37.40 -0.57 -19.00
C ARG B 432 -36.93 -1.31 -20.26
N ASN B 433 -35.61 -1.37 -20.44
CA ASN B 433 -34.92 -2.10 -21.51
C ASN B 433 -34.99 -1.36 -22.85
N GLN B 434 -35.54 -0.15 -22.90
CA GLN B 434 -35.55 0.60 -24.15
C GLN B 434 -34.15 1.01 -24.58
N MET B 435 -33.16 0.90 -23.70
CA MET B 435 -31.78 1.22 -24.02
C MET B 435 -30.88 0.49 -23.03
N GLY B 436 -30.09 -0.46 -23.53
CA GLY B 436 -29.32 -1.31 -22.66
C GLY B 436 -27.84 -1.38 -22.98
N VAL B 437 -27.21 -2.49 -22.58
CA VAL B 437 -25.76 -2.60 -22.69
C VAL B 437 -25.34 -2.74 -24.15
N SER B 438 -26.08 -3.53 -24.93
CA SER B 438 -25.69 -3.75 -26.32
C SER B 438 -25.70 -2.45 -27.12
N GLU B 439 -26.73 -1.63 -26.93
CA GLU B 439 -26.80 -0.35 -27.64
C GLU B 439 -25.64 0.55 -27.27
N LEU B 440 -25.32 0.62 -25.97
CA LEU B 440 -24.20 1.45 -25.54
C LEU B 440 -22.89 0.94 -26.10
N LEU B 441 -22.70 -0.37 -26.12
CA LEU B 441 -21.46 -0.93 -26.67
C LEU B 441 -21.32 -0.61 -28.15
N ILE B 442 -22.41 -0.79 -28.91
CA ILE B 442 -22.35 -0.51 -30.35
C ILE B 442 -22.07 0.97 -30.58
N SER B 443 -22.77 1.84 -29.84
CA SER B 443 -22.58 3.28 -30.01
C SER B 443 -21.14 3.66 -29.70
N THR B 444 -20.61 3.17 -28.58
CA THR B 444 -19.24 3.50 -28.21
C THR B 444 -18.26 3.01 -29.26
N ALA B 445 -18.45 1.78 -29.73
CA ALA B 445 -17.53 1.23 -30.73
C ALA B 445 -17.52 2.09 -31.99
N VAL B 446 -18.71 2.33 -32.57
CA VAL B 446 -18.77 3.05 -33.84
C VAL B 446 -18.29 4.49 -33.67
N GLN B 447 -18.69 5.13 -32.57
CA GLN B 447 -18.25 6.50 -32.33
C GLN B 447 -16.74 6.57 -32.20
N GLY B 448 -16.14 5.62 -31.49
CA GLY B 448 -14.69 5.59 -31.40
C GLY B 448 -14.02 5.41 -32.74
N ILE B 449 -14.53 4.49 -33.56
CA ILE B 449 -13.95 4.28 -34.88
C ILE B 449 -13.98 5.58 -35.68
N LEU B 450 -15.15 6.22 -35.74
CA LEU B 450 -15.27 7.42 -36.56
C LEU B 450 -14.42 8.56 -36.01
N PHE B 451 -14.43 8.76 -34.70
CA PHE B 451 -13.66 9.85 -34.10
C PHE B 451 -12.17 9.64 -34.29
N ALA B 452 -11.70 8.40 -34.16
CA ALA B 452 -10.29 8.12 -34.42
C ALA B 452 -9.95 8.35 -35.88
N LEU B 453 -10.86 7.97 -36.79
CA LEU B 453 -10.56 8.12 -38.21
C LEU B 453 -10.49 9.58 -38.63
N LEU B 454 -11.43 10.41 -38.17
CA LEU B 454 -11.55 11.79 -38.66
C LEU B 454 -11.36 12.82 -37.57
N GLY B 455 -10.93 12.44 -36.38
CA GLY B 455 -10.91 13.37 -35.26
C GLY B 455 -9.66 14.23 -35.24
N ALA B 456 -9.84 15.48 -34.82
CA ALA B 456 -8.71 16.39 -34.68
C ALA B 456 -7.87 16.06 -33.46
N GLN B 457 -8.48 15.43 -32.44
CA GLN B 457 -7.79 15.04 -31.22
C GLN B 457 -8.05 13.56 -30.97
N PRO B 458 -7.25 12.68 -31.56
CA PRO B 458 -7.47 11.24 -31.34
C PRO B 458 -7.34 10.82 -29.89
N LEU B 459 -6.65 11.62 -29.06
CA LEU B 459 -6.43 11.24 -27.67
C LEU B 459 -7.76 11.14 -26.92
N LEU B 460 -8.70 12.02 -27.20
CA LEU B 460 -9.98 11.98 -26.52
C LEU B 460 -10.66 10.63 -26.73
N VAL B 461 -11.25 10.11 -25.66
CA VAL B 461 -11.94 8.82 -25.68
C VAL B 461 -13.43 9.09 -25.54
N VAL B 462 -14.20 8.68 -26.53
CA VAL B 462 -15.63 8.94 -26.56
C VAL B 462 -16.35 7.82 -25.83
N GLY B 463 -17.21 8.20 -24.89
CA GLY B 463 -17.97 7.24 -24.12
C GLY B 463 -19.11 7.92 -23.40
N PHE B 464 -19.81 7.13 -22.59
CA PHE B 464 -20.94 7.65 -21.82
C PHE B 464 -20.47 8.12 -20.45
N SER B 465 -20.96 9.29 -20.04
CA SER B 465 -20.66 9.87 -18.75
C SER B 465 -21.95 10.02 -17.94
N GLY B 466 -21.79 10.32 -16.66
CA GLY B 466 -22.90 10.39 -15.73
C GLY B 466 -24.02 11.33 -16.14
N PRO B 467 -23.69 12.59 -16.44
CA PRO B 467 -24.77 13.55 -16.73
C PRO B 467 -25.64 13.15 -17.90
N LEU B 468 -25.07 12.45 -18.90
CA LEU B 468 -25.90 11.93 -19.98
C LEU B 468 -26.91 10.93 -19.45
N LEU B 469 -26.48 10.03 -18.56
CA LEU B 469 -27.41 9.09 -17.94
C LEU B 469 -28.50 9.82 -17.19
N VAL B 470 -28.13 10.85 -16.43
CA VAL B 470 -29.12 11.61 -15.67
C VAL B 470 -30.12 12.25 -16.62
N PHE B 471 -29.65 12.84 -17.72
CA PHE B 471 -30.57 13.46 -18.66
C PHE B 471 -31.49 12.43 -19.29
N GLU B 472 -30.96 11.25 -19.62
CA GLU B 472 -31.80 10.22 -20.22
C GLU B 472 -32.93 9.83 -19.28
N GLU B 473 -32.61 9.59 -18.00
CA GLU B 473 -33.66 9.23 -17.06
C GLU B 473 -34.65 10.36 -16.85
N ALA B 474 -34.16 11.61 -16.77
CA ALA B 474 -35.05 12.74 -16.57
C ALA B 474 -36.00 12.92 -17.75
N PHE B 475 -35.48 12.78 -18.98
CA PHE B 475 -36.33 12.90 -20.15
C PHE B 475 -37.31 11.75 -20.23
N PHE B 476 -36.91 10.55 -19.80
CA PHE B 476 -37.84 9.44 -19.74
C PHE B 476 -38.99 9.77 -18.78
N SER B 477 -38.66 10.33 -17.62
CA SER B 477 -39.71 10.70 -16.67
C SER B 477 -40.64 11.76 -17.25
N PHE B 478 -40.07 12.76 -17.92
CA PHE B 478 -40.89 13.80 -18.53
C PHE B 478 -41.81 13.22 -19.59
N CYS B 479 -41.28 12.33 -20.44
CA CYS B 479 -42.11 11.70 -21.47
C CYS B 479 -43.23 10.89 -20.83
N GLU B 480 -42.91 10.08 -19.82
CA GLU B 480 -43.97 9.33 -19.14
C GLU B 480 -45.02 10.26 -18.57
N THR B 481 -44.60 11.42 -18.08
CA THR B 481 -45.56 12.40 -17.58
C THR B 481 -46.46 12.90 -18.71
N ASN B 482 -45.90 13.13 -19.90
CA ASN B 482 -46.64 13.69 -21.02
C ASN B 482 -47.10 12.64 -22.02
N GLY B 483 -46.96 11.35 -21.70
CA GLY B 483 -47.41 10.30 -22.58
C GLY B 483 -46.69 10.24 -23.91
N LEU B 484 -45.36 10.32 -23.88
CA LEU B 484 -44.53 10.33 -25.08
C LEU B 484 -43.65 9.10 -25.13
N GLU B 485 -43.18 8.78 -26.33
CA GLU B 485 -42.22 7.69 -26.51
C GLU B 485 -40.81 8.23 -26.32
N TYR B 486 -40.05 7.59 -25.42
CA TYR B 486 -38.74 8.09 -25.05
C TYR B 486 -37.78 8.07 -26.23
N ILE B 487 -37.77 6.97 -26.99
CA ILE B 487 -36.80 6.82 -28.07
C ILE B 487 -37.06 7.81 -29.20
N VAL B 488 -38.33 8.06 -29.51
CA VAL B 488 -38.65 8.99 -30.60
C VAL B 488 -38.28 10.42 -30.20
N GLY B 489 -38.58 10.80 -28.96
CA GLY B 489 -38.12 12.09 -28.48
C GLY B 489 -36.62 12.21 -28.51
N ARG B 490 -35.92 11.12 -28.20
CA ARG B 490 -34.46 11.12 -28.30
C ARG B 490 -34.01 11.35 -29.75
N VAL B 491 -34.71 10.72 -30.70
CA VAL B 491 -34.35 10.90 -32.11
C VAL B 491 -34.55 12.36 -32.53
N TRP B 492 -35.67 12.95 -32.13
CA TRP B 492 -35.90 14.35 -32.50
C TRP B 492 -34.88 15.27 -31.83
N ILE B 493 -34.52 14.97 -30.59
CA ILE B 493 -33.47 15.74 -29.91
C ILE B 493 -32.16 15.59 -30.67
N GLY B 494 -31.89 14.40 -31.20
CA GLY B 494 -30.69 14.22 -32.00
C GLY B 494 -30.70 15.07 -33.26
N PHE B 495 -31.84 15.13 -33.94
CA PHE B 495 -31.98 16.04 -35.07
C PHE B 495 -31.64 17.47 -34.67
N TRP B 496 -32.27 17.94 -33.58
CA TRP B 496 -32.02 19.31 -33.16
C TRP B 496 -30.58 19.52 -32.72
N LEU B 497 -29.94 18.49 -32.16
CA LEU B 497 -28.54 18.59 -31.75
C LEU B 497 -27.63 18.71 -32.96
N ILE B 498 -27.89 17.92 -34.01
CA ILE B 498 -27.13 18.06 -35.25
C ILE B 498 -27.30 19.46 -35.81
N LEU B 499 -28.55 19.96 -35.82
CA LEU B 499 -28.78 21.31 -36.31
C LEU B 499 -28.00 22.33 -35.49
N LEU B 500 -28.00 22.17 -34.16
CA LEU B 500 -27.29 23.10 -33.28
C LEU B 500 -25.81 23.10 -33.57
N VAL B 501 -25.21 21.92 -33.73
CA VAL B 501 -23.77 21.88 -33.94
C VAL B 501 -23.41 22.44 -35.30
N VAL B 502 -24.23 22.17 -36.31
CA VAL B 502 -23.98 22.74 -37.63
C VAL B 502 -24.03 24.26 -37.56
N LEU B 503 -25.04 24.80 -36.89
CA LEU B 503 -25.17 26.25 -36.76
C LEU B 503 -23.97 26.83 -36.01
N VAL B 504 -23.56 26.18 -34.93
CA VAL B 504 -22.47 26.71 -34.11
C VAL B 504 -21.16 26.71 -34.89
N VAL B 505 -20.84 25.58 -35.55
CA VAL B 505 -19.62 25.52 -36.33
C VAL B 505 -19.66 26.54 -37.47
N ALA B 506 -20.85 26.78 -38.03
CA ALA B 506 -20.98 27.79 -39.08
C ALA B 506 -20.59 29.17 -38.54
N PHE B 507 -20.99 29.48 -37.32
CA PHE B 507 -20.73 30.79 -36.72
C PHE B 507 -19.41 30.84 -35.97
N GLU B 508 -18.62 29.76 -35.99
CA GLU B 508 -17.36 29.71 -35.25
C GLU B 508 -17.58 29.99 -33.76
N GLY B 509 -18.66 29.43 -33.22
CA GLY B 509 -18.97 29.59 -31.81
C GLY B 509 -17.97 28.96 -30.87
N SER B 510 -17.08 28.11 -31.38
CA SER B 510 -16.03 27.52 -30.56
C SER B 510 -15.04 28.57 -30.06
N PHE B 511 -15.06 29.78 -30.61
CA PHE B 511 -14.18 30.83 -30.13
C PHE B 511 -14.47 31.18 -28.68
N LEU B 512 -15.70 30.95 -28.22
CA LEU B 512 -16.04 31.23 -26.83
C LEU B 512 -15.24 30.36 -25.87
N VAL B 513 -14.65 29.26 -26.35
CA VAL B 513 -13.86 28.38 -25.50
C VAL B 513 -12.64 29.12 -24.97
N ARG B 514 -12.17 30.14 -25.68
CA ARG B 514 -11.01 30.90 -25.20
C ARG B 514 -11.31 31.57 -23.87
N PHE B 515 -12.58 31.86 -23.58
CA PHE B 515 -12.93 32.45 -22.30
C PHE B 515 -12.74 31.46 -21.16
N ILE B 516 -12.84 30.17 -21.44
CA ILE B 516 -12.60 29.16 -20.41
C ILE B 516 -11.14 29.22 -20.01
N SER B 517 -10.89 29.68 -18.79
CA SER B 517 -9.54 29.85 -18.28
C SER B 517 -9.13 28.61 -17.48
N ARG B 518 -7.98 28.70 -16.82
CA ARG B 518 -7.52 27.60 -15.99
C ARG B 518 -8.45 27.37 -14.80
N TYR B 519 -9.15 28.41 -14.37
CA TYR B 519 -10.06 28.29 -13.23
C TYR B 519 -11.08 27.19 -13.47
N THR B 520 -11.94 27.38 -14.47
CA THR B 520 -12.99 26.41 -14.74
C THR B 520 -12.42 25.08 -15.18
N GLN B 521 -11.35 25.10 -15.97
CA GLN B 521 -10.74 23.86 -16.44
C GLN B 521 -10.32 22.97 -15.28
N GLU B 522 -9.56 23.54 -14.33
CA GLU B 522 -9.06 22.74 -13.22
C GLU B 522 -10.17 22.39 -12.25
N ILE B 523 -11.15 23.28 -12.07
CA ILE B 523 -12.29 22.93 -11.23
C ILE B 523 -13.01 21.71 -11.79
N PHE B 524 -13.22 21.71 -13.11
CA PHE B 524 -13.92 20.59 -13.75
C PHE B 524 -13.12 19.30 -13.63
N SER B 525 -11.80 19.38 -13.88
CA SER B 525 -10.99 18.16 -13.78
C SER B 525 -10.99 17.62 -12.36
N PHE B 526 -10.83 18.49 -11.37
CA PHE B 526 -10.85 18.04 -9.98
C PHE B 526 -12.18 17.43 -9.62
N LEU B 527 -13.28 18.04 -10.07
CA LEU B 527 -14.60 17.49 -9.79
C LEU B 527 -14.76 16.12 -10.41
N ILE B 528 -14.31 15.93 -11.64
CA ILE B 528 -14.48 14.64 -12.29
C ILE B 528 -13.64 13.57 -11.60
N SER B 529 -12.42 13.90 -11.21
CA SER B 529 -11.60 12.92 -10.49
C SER B 529 -12.22 12.57 -9.15
N LEU B 530 -12.73 13.57 -8.43
CA LEU B 530 -13.40 13.31 -7.16
C LEU B 530 -14.62 12.42 -7.37
N ILE B 531 -15.37 12.67 -8.44
CA ILE B 531 -16.53 11.84 -8.75
C ILE B 531 -16.09 10.40 -9.02
N PHE B 532 -14.99 10.23 -9.74
CA PHE B 532 -14.49 8.88 -10.00
C PHE B 532 -14.19 8.15 -8.70
N ILE B 533 -13.44 8.79 -7.82
CA ILE B 533 -13.06 8.13 -6.56
C ILE B 533 -14.31 7.85 -5.73
N TYR B 534 -15.21 8.82 -5.63
CA TYR B 534 -16.42 8.64 -4.82
C TYR B 534 -17.28 7.52 -5.37
N GLU B 535 -17.40 7.43 -6.70
CA GLU B 535 -18.22 6.36 -7.29
C GLU B 535 -17.60 5.00 -7.07
N THR B 536 -16.26 4.90 -7.16
CA THR B 536 -15.62 3.62 -6.87
C THR B 536 -15.90 3.20 -5.43
N PHE B 537 -15.73 4.13 -4.49
CA PHE B 537 -15.97 3.78 -3.09
C PHE B 537 -17.44 3.48 -2.82
N SER B 538 -18.35 4.17 -3.51
CA SER B 538 -19.77 3.89 -3.35
C SER B 538 -20.12 2.51 -3.88
N LYS B 539 -19.52 2.11 -5.00
CA LYS B 539 -19.75 0.76 -5.51
C LYS B 539 -19.20 -0.28 -4.54
N LEU B 540 -18.04 0.00 -3.92
CA LEU B 540 -17.53 -0.92 -2.91
C LEU B 540 -18.49 -1.02 -1.72
N ILE B 541 -19.02 0.11 -1.28
CA ILE B 541 -19.99 0.09 -0.18
C ILE B 541 -21.24 -0.68 -0.58
N LYS B 542 -21.65 -0.56 -1.84
CA LYS B 542 -22.79 -1.34 -2.32
C LYS B 542 -22.50 -2.84 -2.27
N ILE B 543 -21.28 -3.22 -2.66
CA ILE B 543 -20.91 -4.63 -2.58
C ILE B 543 -20.97 -5.11 -1.13
N PHE B 544 -20.48 -4.29 -0.20
CA PHE B 544 -20.51 -4.69 1.20
C PHE B 544 -21.93 -4.72 1.75
N GLN B 545 -22.82 -3.88 1.22
CA GLN B 545 -24.21 -3.89 1.66
C GLN B 545 -24.98 -5.08 1.12
N ASP B 546 -24.67 -5.52 -0.09
CA ASP B 546 -25.34 -6.69 -0.65
C ASP B 546 -24.93 -7.97 0.06
N HIS B 547 -23.68 -8.07 0.48
CA HIS B 547 -23.13 -9.28 1.09
C HIS B 547 -22.46 -8.93 2.41
N PRO B 548 -23.24 -8.54 3.42
CA PRO B 548 -22.64 -8.11 4.68
C PRO B 548 -21.93 -9.25 5.40
N LEU B 549 -20.96 -8.88 6.23
CA LEU B 549 -20.26 -9.85 7.07
C LEU B 549 -21.18 -10.22 8.23
N GLN B 550 -21.76 -11.42 8.15
CA GLN B 550 -22.69 -11.91 9.16
C GLN B 550 -22.21 -13.27 9.65
N LYS B 551 -22.64 -13.62 10.87
CA LYS B 551 -22.21 -14.87 11.48
C LYS B 551 -22.70 -16.07 10.66
N THR B 552 -23.93 -16.02 10.17
CA THR B 552 -24.54 -17.13 9.47
C THR B 552 -25.05 -16.68 8.11
N TYR B 553 -24.81 -17.52 7.10
CA TYR B 553 -25.32 -17.32 5.74
C TYR B 553 -26.22 -18.49 5.37
N ASN B 554 -26.92 -18.34 4.26
CA ASN B 554 -27.81 -19.36 3.74
C ASN B 554 -27.30 -19.81 2.37
N TYR B 555 -27.22 -21.12 2.17
CA TYR B 555 -26.67 -21.69 0.94
C TYR B 555 -27.75 -22.23 0.01
N ASN B 556 -29.03 -22.00 0.33
CA ASN B 556 -30.10 -22.20 -0.63
C ASN B 556 -30.28 -20.98 -1.53
N VAL B 557 -29.47 -19.93 -1.32
CA VAL B 557 -29.58 -18.73 -2.13
C VAL B 557 -29.43 -19.09 -3.61
N LEU B 558 -30.32 -18.55 -4.44
CA LEU B 558 -30.25 -18.78 -5.87
C LEU B 558 -29.18 -17.88 -6.48
N MET B 559 -28.38 -18.46 -7.37
CA MET B 559 -27.22 -17.78 -7.94
C MET B 559 -27.51 -17.11 -9.27
N VAL B 560 -28.74 -17.13 -9.75
CA VAL B 560 -29.09 -16.53 -11.03
C VAL B 560 -30.31 -15.64 -10.87
N PRO B 561 -30.39 -14.49 -11.56
CA PRO B 561 -29.36 -13.89 -12.43
C PRO B 561 -28.18 -13.40 -11.62
N LYS B 562 -28.45 -12.94 -10.41
CA LYS B 562 -27.45 -12.51 -9.45
C LYS B 562 -27.77 -13.15 -8.11
N PRO B 563 -26.80 -13.22 -7.20
CA PRO B 563 -27.09 -13.81 -5.88
C PRO B 563 -28.28 -13.13 -5.23
N GLN B 564 -29.22 -13.95 -4.74
CA GLN B 564 -30.44 -13.44 -4.13
C GLN B 564 -30.28 -13.16 -2.65
N GLY B 565 -29.10 -13.37 -2.09
CA GLY B 565 -28.86 -13.10 -0.68
C GLY B 565 -27.38 -12.94 -0.38
N PRO B 566 -27.07 -12.62 0.87
CA PRO B 566 -25.66 -12.49 1.26
C PRO B 566 -24.88 -13.77 1.00
N LEU B 567 -23.61 -13.60 0.65
CA LEU B 567 -22.70 -14.71 0.43
C LEU B 567 -21.45 -14.52 1.27
N PRO B 568 -20.78 -15.61 1.65
CA PRO B 568 -19.56 -15.48 2.44
C PRO B 568 -18.36 -15.17 1.58
N ASN B 569 -17.47 -14.33 2.12
CA ASN B 569 -16.17 -13.99 1.53
C ASN B 569 -16.29 -13.15 0.28
N THR B 570 -17.50 -12.84 -0.21
CA THR B 570 -17.62 -12.08 -1.45
C THR B 570 -17.22 -10.63 -1.24
N ALA B 571 -17.74 -9.99 -0.18
CA ALA B 571 -17.43 -8.59 0.05
C ALA B 571 -15.95 -8.39 0.36
N LEU B 572 -15.42 -9.19 1.28
CA LEU B 572 -14.01 -9.07 1.63
C LEU B 572 -13.11 -9.42 0.45
N LEU B 573 -13.49 -10.43 -0.33
CA LEU B 573 -12.67 -10.80 -1.48
C LEU B 573 -12.68 -9.69 -2.53
N SER B 574 -13.83 -9.06 -2.75
CA SER B 574 -13.88 -7.92 -3.67
C SER B 574 -13.01 -6.78 -3.17
N LEU B 575 -13.09 -6.49 -1.86
CA LEU B 575 -12.23 -5.45 -1.30
C LEU B 575 -10.76 -5.79 -1.50
N VAL B 576 -10.39 -7.04 -1.27
CA VAL B 576 -9.00 -7.46 -1.40
C VAL B 576 -8.55 -7.35 -2.85
N LEU B 577 -9.39 -7.77 -3.79
CA LEU B 577 -9.03 -7.69 -5.21
C LEU B 577 -8.85 -6.23 -5.63
N MET B 578 -9.76 -5.36 -5.21
CA MET B 578 -9.65 -3.94 -5.56
C MET B 578 -8.38 -3.34 -4.97
N ALA B 579 -8.11 -3.61 -3.70
CA ALA B 579 -6.91 -3.09 -3.06
C ALA B 579 -5.66 -3.62 -3.75
N GLY B 580 -5.66 -4.91 -4.09
CA GLY B 580 -4.48 -5.50 -4.73
C GLY B 580 -4.21 -4.91 -6.11
N THR B 581 -5.26 -4.75 -6.92
CA THR B 581 -5.05 -4.18 -8.25
C THR B 581 -4.61 -2.73 -8.15
N PHE B 582 -5.20 -1.96 -7.23
CA PHE B 582 -4.76 -0.58 -7.05
C PHE B 582 -3.30 -0.52 -6.59
N PHE B 583 -2.93 -1.38 -5.64
CA PHE B 583 -1.57 -1.38 -5.13
C PHE B 583 -0.57 -1.77 -6.23
N PHE B 584 -0.91 -2.78 -7.02
CA PHE B 584 0.00 -3.19 -8.09
C PHE B 584 0.12 -2.10 -9.16
N ALA B 585 -0.99 -1.43 -9.48
CA ALA B 585 -0.91 -0.34 -10.44
C ALA B 585 -0.03 0.78 -9.93
N MET B 586 -0.19 1.16 -8.66
CA MET B 586 0.65 2.21 -8.09
C MET B 586 2.11 1.79 -8.04
N MET B 587 2.37 0.54 -7.67
CA MET B 587 3.76 0.08 -7.57
C MET B 587 4.41 0.01 -8.94
N LEU B 588 3.66 -0.37 -9.97
CA LEU B 588 4.22 -0.38 -11.33
C LEU B 588 4.37 1.02 -11.89
N ARG B 589 3.54 1.97 -11.44
CA ARG B 589 3.82 3.37 -11.74
C ARG B 589 5.14 3.81 -11.13
N LYS B 590 5.33 3.52 -9.85
CA LYS B 590 6.59 3.86 -9.19
C LYS B 590 7.76 3.13 -9.85
N PHE B 591 7.51 1.95 -10.42
CA PHE B 591 8.59 1.15 -10.98
C PHE B 591 9.16 1.78 -12.24
N LYS B 592 8.31 2.42 -13.06
CA LYS B 592 8.78 3.01 -14.30
C LYS B 592 9.76 4.14 -14.02
N ASN B 593 9.44 5.02 -13.07
CA ASN B 593 10.29 6.15 -12.76
C ASN B 593 11.44 5.80 -11.82
N SER B 594 11.48 4.57 -11.29
CA SER B 594 12.54 4.17 -10.40
C SER B 594 13.77 3.74 -11.20
N SER B 595 14.81 3.33 -10.49
CA SER B 595 16.07 2.93 -11.10
C SER B 595 16.24 1.42 -11.22
N TYR B 596 15.27 0.64 -10.77
CA TYR B 596 15.42 -0.82 -10.79
C TYR B 596 15.27 -1.36 -12.20
N PHE B 597 15.94 -2.48 -12.46
CA PHE B 597 15.90 -3.17 -13.75
C PHE B 597 16.49 -2.29 -14.85
N PRO B 598 16.79 -2.86 -16.01
CA PRO B 598 17.32 -2.04 -17.11
C PRO B 598 16.36 -0.95 -17.51
N GLY B 599 16.82 -0.06 -18.39
CA GLY B 599 16.03 1.08 -18.81
C GLY B 599 14.85 0.70 -19.69
N LYS B 600 15.14 0.10 -20.85
CA LYS B 600 14.06 -0.25 -21.77
C LYS B 600 13.11 -1.25 -21.14
N LEU B 601 13.64 -2.25 -20.45
CA LEU B 601 12.80 -3.24 -19.79
C LEU B 601 11.91 -2.59 -18.75
N ARG B 602 12.47 -1.68 -17.94
CA ARG B 602 11.69 -1.00 -16.92
C ARG B 602 10.58 -0.17 -17.54
N ARG B 603 10.89 0.56 -18.62
CA ARG B 603 9.87 1.36 -19.27
C ARG B 603 8.77 0.49 -19.86
N VAL B 604 9.15 -0.64 -20.46
CA VAL B 604 8.15 -1.54 -21.03
C VAL B 604 7.22 -2.07 -19.93
N ILE B 605 7.79 -2.48 -18.80
CA ILE B 605 6.97 -2.95 -17.69
C ILE B 605 6.05 -1.83 -17.21
N GLY B 606 6.60 -0.62 -17.07
CA GLY B 606 5.80 0.49 -16.57
C GLY B 606 4.63 0.83 -17.46
N ASP B 607 4.83 0.80 -18.78
CA ASP B 607 3.75 1.12 -19.70
C ASP B 607 2.60 0.13 -19.55
N PHE B 608 2.91 -1.17 -19.43
CA PHE B 608 1.91 -2.21 -19.27
C PHE B 608 1.49 -2.40 -17.81
N GLY B 609 1.67 -1.38 -16.97
CA GLY B 609 1.43 -1.58 -15.54
C GLY B 609 0.01 -1.98 -15.23
N VAL B 610 -0.96 -1.25 -15.76
CA VAL B 610 -2.37 -1.52 -15.47
C VAL B 610 -2.78 -2.87 -16.04
N PRO B 611 -2.44 -3.18 -17.30
CA PRO B 611 -2.73 -4.52 -17.80
C PRO B 611 -2.12 -5.62 -16.95
N ILE B 612 -0.90 -5.41 -16.46
CA ILE B 612 -0.25 -6.44 -15.64
C ILE B 612 -0.97 -6.62 -14.31
N SER B 613 -1.35 -5.51 -13.67
CA SER B 613 -2.10 -5.61 -12.42
C SER B 613 -3.44 -6.29 -12.65
N ILE B 614 -4.11 -5.95 -13.74
CA ILE B 614 -5.40 -6.57 -14.04
C ILE B 614 -5.23 -8.07 -14.25
N LEU B 615 -4.20 -8.46 -15.00
CA LEU B 615 -3.95 -9.89 -15.22
C LEU B 615 -3.65 -10.59 -13.91
N ILE B 616 -2.84 -9.98 -13.04
CA ILE B 616 -2.48 -10.61 -11.78
C ILE B 616 -3.72 -10.83 -10.94
N MET B 617 -4.56 -9.80 -10.79
CA MET B 617 -5.73 -9.94 -9.93
C MET B 617 -6.78 -10.86 -10.55
N VAL B 618 -6.90 -10.85 -11.88
CA VAL B 618 -7.82 -11.77 -12.54
C VAL B 618 -7.38 -13.21 -12.32
N LEU B 619 -6.08 -13.48 -12.42
CA LEU B 619 -5.59 -14.82 -12.12
C LEU B 619 -5.84 -15.19 -10.67
N VAL B 620 -5.60 -14.25 -9.76
CA VAL B 620 -5.82 -14.53 -8.33
C VAL B 620 -7.27 -14.93 -8.10
N ASP B 621 -8.20 -14.18 -8.68
CA ASP B 621 -9.61 -14.53 -8.56
C ASP B 621 -9.91 -15.87 -9.21
N PHE B 622 -9.33 -16.13 -10.38
CA PHE B 622 -9.62 -17.35 -11.12
C PHE B 622 -9.20 -18.58 -10.34
N PHE B 623 -8.03 -18.53 -9.70
CA PHE B 623 -7.57 -19.69 -8.95
C PHE B 623 -8.39 -19.93 -7.69
N ILE B 624 -9.02 -18.88 -7.15
CA ILE B 624 -9.99 -19.05 -6.08
C ILE B 624 -11.30 -19.51 -6.71
N GLN B 625 -11.80 -20.66 -6.27
CA GLN B 625 -12.92 -21.31 -6.92
C GLN B 625 -14.22 -21.28 -6.12
N ASP B 626 -14.13 -21.25 -4.79
CA ASP B 626 -15.32 -21.40 -3.95
C ASP B 626 -15.95 -20.08 -3.55
N THR B 627 -15.44 -18.96 -4.05
CA THR B 627 -15.98 -17.64 -3.74
C THR B 627 -16.48 -16.97 -5.02
N TYR B 628 -17.65 -16.36 -4.93
CA TYR B 628 -18.26 -15.68 -6.06
C TYR B 628 -17.96 -14.19 -5.98
N THR B 629 -17.45 -13.63 -7.08
CA THR B 629 -17.27 -12.20 -7.22
C THR B 629 -17.94 -11.77 -8.51
N GLN B 630 -18.72 -10.69 -8.45
CA GLN B 630 -19.45 -10.23 -9.62
C GLN B 630 -18.52 -10.11 -10.81
N LYS B 631 -18.91 -10.76 -11.91
CA LYS B 631 -18.09 -10.81 -13.12
C LYS B 631 -18.64 -9.85 -14.17
N LEU B 632 -17.77 -9.53 -15.14
CA LEU B 632 -18.19 -8.65 -16.22
C LEU B 632 -19.25 -9.33 -17.07
N SER B 633 -20.34 -8.62 -17.31
CA SER B 633 -21.48 -9.13 -18.06
C SER B 633 -21.54 -8.42 -19.40
N VAL B 634 -21.31 -9.17 -20.47
CA VAL B 634 -21.39 -8.65 -21.84
C VAL B 634 -22.54 -9.37 -22.53
N PRO B 635 -23.40 -8.65 -23.26
CA PRO B 635 -24.51 -9.32 -23.93
C PRO B 635 -24.02 -10.40 -24.88
N ASP B 636 -24.76 -11.51 -24.94
CA ASP B 636 -24.35 -12.63 -25.78
C ASP B 636 -24.39 -12.26 -27.26
N GLY B 637 -25.40 -11.49 -27.67
CA GLY B 637 -25.56 -11.14 -29.07
C GLY B 637 -25.85 -9.66 -29.24
N PHE B 638 -25.70 -9.20 -30.48
CA PHE B 638 -25.97 -7.82 -30.84
C PHE B 638 -27.45 -7.67 -31.14
N LYS B 639 -28.24 -7.32 -30.13
CA LYS B 639 -29.68 -7.11 -30.30
C LYS B 639 -30.10 -5.92 -29.44
N VAL B 640 -31.20 -5.29 -29.85
CA VAL B 640 -31.76 -4.22 -29.03
C VAL B 640 -32.16 -4.78 -27.68
N SER B 641 -32.04 -3.95 -26.64
CA SER B 641 -32.32 -4.43 -25.29
C SER B 641 -33.76 -4.88 -25.15
N ASN B 642 -34.70 -4.15 -25.74
CA ASN B 642 -36.11 -4.50 -25.74
C ASN B 642 -36.56 -4.67 -27.19
N SER B 643 -36.69 -5.92 -27.63
CA SER B 643 -37.05 -6.18 -29.02
C SER B 643 -38.43 -5.62 -29.34
N SER B 644 -39.40 -5.81 -28.44
CA SER B 644 -40.75 -5.35 -28.71
C SER B 644 -40.84 -3.83 -28.68
N ALA B 645 -40.12 -3.19 -27.76
CA ALA B 645 -40.25 -1.75 -27.58
C ALA B 645 -39.83 -0.99 -28.83
N ARG B 646 -38.73 -1.39 -29.46
CA ARG B 646 -38.18 -0.63 -30.57
C ARG B 646 -37.34 -1.55 -31.44
N GLY B 647 -37.11 -1.10 -32.68
CA GLY B 647 -36.24 -1.79 -33.61
C GLY B 647 -34.89 -1.13 -33.73
N TRP B 648 -34.13 -1.59 -34.73
CA TRP B 648 -32.79 -1.04 -34.95
C TRP B 648 -32.85 0.44 -35.34
N VAL B 649 -33.81 0.81 -36.18
CA VAL B 649 -33.95 2.17 -36.66
C VAL B 649 -35.30 2.72 -36.19
N ILE B 650 -35.27 3.91 -35.60
CA ILE B 650 -36.46 4.55 -35.06
C ILE B 650 -36.98 5.53 -36.10
N HIS B 651 -38.24 5.37 -36.50
CA HIS B 651 -38.85 6.28 -37.46
C HIS B 651 -39.23 7.58 -36.74
N PRO B 652 -38.94 8.74 -37.34
CA PRO B 652 -39.20 10.01 -36.62
C PRO B 652 -40.64 10.19 -36.18
N LEU B 653 -41.60 9.72 -36.97
CA LEU B 653 -43.02 9.91 -36.64
C LEU B 653 -43.51 8.96 -35.55
N GLY B 654 -42.70 8.01 -35.12
CA GLY B 654 -43.04 7.20 -33.98
C GLY B 654 -43.26 5.74 -34.34
N LEU B 655 -42.88 4.86 -33.41
CA LEU B 655 -43.06 3.42 -33.61
C LEU B 655 -44.48 3.00 -33.27
N ARG B 656 -44.99 3.41 -32.12
CA ARG B 656 -46.31 3.00 -31.65
C ARG B 656 -47.39 4.03 -31.90
N SER B 657 -47.06 5.31 -31.82
CA SER B 657 -48.04 6.38 -31.99
C SER B 657 -47.39 7.57 -32.67
N GLU B 658 -48.22 8.39 -33.31
CA GLU B 658 -47.72 9.59 -33.98
C GLU B 658 -47.09 10.53 -32.97
N PHE B 659 -45.93 11.07 -33.33
CA PHE B 659 -45.27 12.04 -32.46
C PHE B 659 -46.00 13.37 -32.54
N PRO B 660 -46.46 13.92 -31.41
CA PRO B 660 -47.17 15.20 -31.46
C PRO B 660 -46.31 16.29 -32.09
N ILE B 661 -46.94 17.11 -32.93
CA ILE B 661 -46.20 18.19 -33.59
C ILE B 661 -45.63 19.15 -32.56
N TRP B 662 -46.44 19.49 -31.55
CA TRP B 662 -45.96 20.39 -30.50
C TRP B 662 -44.73 19.80 -29.82
N MET B 663 -44.67 18.47 -29.68
CA MET B 663 -43.54 17.86 -28.99
C MET B 663 -42.28 17.88 -29.86
N MET B 664 -42.42 17.60 -31.15
CA MET B 664 -41.23 17.66 -32.01
C MET B 664 -40.73 19.09 -32.14
N PHE B 665 -41.61 20.08 -32.01
CA PHE B 665 -41.16 21.47 -31.99
C PHE B 665 -40.55 21.87 -30.66
N ALA B 666 -41.06 21.33 -29.55
CA ALA B 666 -40.55 21.68 -28.23
C ALA B 666 -39.29 20.91 -27.88
N SER B 667 -38.96 19.85 -28.62
CA SER B 667 -37.70 19.16 -28.42
C SER B 667 -36.50 20.05 -28.64
N ALA B 668 -36.70 21.28 -29.12
CA ALA B 668 -35.60 22.22 -29.27
C ALA B 668 -35.01 22.63 -27.92
N LEU B 669 -35.83 22.63 -26.87
CA LEU B 669 -35.35 23.05 -25.56
C LEU B 669 -34.55 21.93 -24.90
N PRO B 670 -35.10 20.72 -24.76
CA PRO B 670 -34.27 19.62 -24.27
C PRO B 670 -33.03 19.40 -25.11
N ALA B 671 -33.15 19.55 -26.43
CA ALA B 671 -32.00 19.45 -27.30
C ALA B 671 -31.01 20.58 -27.02
N LEU B 672 -31.52 21.77 -26.70
CA LEU B 672 -30.63 22.87 -26.35
C LEU B 672 -29.84 22.55 -25.09
N LEU B 673 -30.52 22.02 -24.07
CA LEU B 673 -29.82 21.65 -22.84
C LEU B 673 -28.79 20.55 -23.10
N VAL B 674 -29.15 19.55 -23.89
CA VAL B 674 -28.22 18.46 -24.20
C VAL B 674 -27.00 19.01 -24.93
N PHE B 675 -27.22 19.92 -25.89
CA PHE B 675 -26.10 20.51 -26.59
C PHE B 675 -25.21 21.30 -25.66
N ILE B 676 -25.81 22.09 -24.75
CA ILE B 676 -25.00 22.84 -23.80
C ILE B 676 -24.12 21.88 -23.00
N LEU B 677 -24.73 20.82 -22.46
CA LEU B 677 -23.97 19.89 -21.62
C LEU B 677 -22.83 19.24 -22.41
N ILE B 678 -23.15 18.66 -23.56
CA ILE B 678 -22.17 17.91 -24.33
C ILE B 678 -21.06 18.83 -24.83
N PHE B 679 -21.44 20.01 -25.34
CA PHE B 679 -20.45 20.98 -25.79
C PHE B 679 -19.51 21.36 -24.65
N LEU B 680 -20.07 21.65 -23.48
CA LEU B 680 -19.23 21.99 -22.34
C LEU B 680 -18.24 20.87 -22.04
N GLU B 681 -18.74 19.65 -21.90
CA GLU B 681 -17.87 18.54 -21.53
C GLU B 681 -16.76 18.34 -22.56
N SER B 682 -17.14 18.24 -23.83
CA SER B 682 -16.16 17.94 -24.88
C SER B 682 -15.13 19.07 -25.00
N GLN B 683 -15.59 20.31 -25.00
CA GLN B 683 -14.66 21.42 -25.15
C GLN B 683 -13.72 21.53 -23.97
N ILE B 684 -14.22 21.32 -22.75
CA ILE B 684 -13.34 21.38 -21.59
C ILE B 684 -12.32 20.26 -21.63
N THR B 685 -12.74 19.05 -22.04
CA THR B 685 -11.78 17.96 -22.14
C THR B 685 -10.71 18.26 -23.19
N THR B 686 -11.12 18.86 -24.31
CA THR B 686 -10.14 19.25 -25.33
C THR B 686 -9.17 20.27 -24.76
N LEU B 687 -9.68 21.23 -23.99
CA LEU B 687 -8.80 22.22 -23.37
C LEU B 687 -7.79 21.54 -22.46
N ILE B 688 -8.24 20.60 -21.62
CA ILE B 688 -7.33 19.92 -20.70
C ILE B 688 -6.26 19.18 -21.47
N VAL B 689 -6.66 18.40 -22.47
CA VAL B 689 -5.69 17.55 -23.17
C VAL B 689 -4.71 18.39 -23.96
N SER B 690 -5.17 19.49 -24.56
CA SER B 690 -4.36 20.30 -25.46
C SER B 690 -3.63 21.44 -24.76
N LYS B 691 -3.34 21.31 -23.47
CA LYS B 691 -2.63 22.37 -22.77
C LYS B 691 -1.15 22.39 -23.20
N PRO B 692 -0.50 23.55 -23.16
CA PRO B 692 0.92 23.61 -23.57
C PRO B 692 1.82 22.71 -22.73
N GLU B 693 1.55 22.57 -21.43
CA GLU B 693 2.42 21.72 -20.60
C GLU B 693 2.38 20.27 -21.05
N ARG B 694 1.26 19.84 -21.63
CA ARG B 694 1.14 18.46 -22.09
C ARG B 694 2.06 18.14 -23.25
N LYS B 695 2.68 19.16 -23.86
CA LYS B 695 3.61 18.95 -24.98
C LYS B 695 2.91 18.31 -26.17
N MET B 696 1.69 18.75 -26.46
CA MET B 696 0.96 18.29 -27.64
C MET B 696 1.49 19.05 -28.85
N VAL B 697 2.41 18.43 -29.59
CA VAL B 697 3.12 19.13 -30.64
C VAL B 697 2.25 19.24 -31.89
N LYS B 698 1.58 18.15 -32.27
CA LYS B 698 0.80 18.16 -33.50
C LYS B 698 -0.38 19.12 -33.42
N GLY B 699 -1.03 19.18 -32.26
CA GLY B 699 -2.13 20.10 -32.05
C GLY B 699 -3.48 19.51 -32.44
N SER B 700 -4.53 20.23 -32.06
CA SER B 700 -5.89 19.79 -32.32
C SER B 700 -6.79 21.01 -32.49
N GLY B 701 -7.95 20.79 -33.10
CA GLY B 701 -8.88 21.85 -33.37
C GLY B 701 -10.21 21.68 -32.64
N PHE B 702 -10.67 22.74 -31.98
CA PHE B 702 -11.92 22.66 -31.24
C PHE B 702 -13.11 22.51 -32.17
N HIS B 703 -13.06 23.16 -33.34
CA HIS B 703 -14.23 23.20 -34.22
C HIS B 703 -14.53 21.81 -34.81
N LEU B 704 -13.51 21.14 -35.35
CA LEU B 704 -13.74 19.89 -36.05
C LEU B 704 -14.24 18.80 -35.10
N ASP B 705 -13.54 18.60 -33.98
CA ASP B 705 -13.90 17.51 -33.09
C ASP B 705 -15.28 17.71 -32.48
N LEU B 706 -15.67 18.96 -32.21
CA LEU B 706 -17.01 19.21 -31.70
C LEU B 706 -18.06 18.80 -32.75
N LEU B 707 -17.85 19.20 -33.99
CA LEU B 707 -18.77 18.83 -35.06
C LEU B 707 -18.88 17.33 -35.18
N LEU B 708 -17.74 16.63 -35.22
CA LEU B 708 -17.78 15.18 -35.33
C LEU B 708 -18.54 14.56 -34.17
N VAL B 709 -18.20 14.94 -32.94
CA VAL B 709 -18.80 14.30 -31.77
C VAL B 709 -20.30 14.51 -31.78
N VAL B 710 -20.75 15.74 -32.01
CA VAL B 710 -22.17 16.03 -31.90
C VAL B 710 -22.94 15.42 -33.07
N GLY B 711 -22.41 15.51 -34.28
CA GLY B 711 -23.09 14.91 -35.42
C GLY B 711 -23.22 13.41 -35.26
N MET B 712 -22.17 12.75 -34.79
CA MET B 712 -22.23 11.32 -34.54
C MET B 712 -23.18 10.98 -33.39
N GLY B 713 -23.28 11.85 -32.37
CA GLY B 713 -24.30 11.66 -31.36
C GLY B 713 -25.69 11.71 -31.93
N GLY B 714 -25.93 12.67 -32.83
CA GLY B 714 -27.23 12.74 -33.49
C GLY B 714 -27.50 11.51 -34.35
N VAL B 715 -26.46 11.03 -35.04
CA VAL B 715 -26.61 9.81 -35.85
C VAL B 715 -26.99 8.64 -34.96
N ALA B 716 -26.32 8.51 -33.81
CA ALA B 716 -26.67 7.46 -32.86
C ALA B 716 -28.11 7.63 -32.38
N ALA B 717 -28.53 8.87 -32.14
CA ALA B 717 -29.91 9.11 -31.74
C ALA B 717 -30.88 8.62 -32.80
N LEU B 718 -30.55 8.83 -34.07
CA LEU B 718 -31.42 8.35 -35.14
C LEU B 718 -31.57 6.84 -35.10
N PHE B 719 -30.47 6.12 -34.88
CA PHE B 719 -30.53 4.68 -34.76
C PHE B 719 -31.04 4.22 -33.40
N GLY B 720 -31.18 5.12 -32.43
CA GLY B 720 -31.69 4.80 -31.12
C GLY B 720 -30.64 4.75 -30.02
N MET B 721 -29.37 4.65 -30.37
CA MET B 721 -28.33 4.64 -29.34
C MET B 721 -28.08 6.06 -28.82
N PRO B 722 -27.48 6.18 -27.62
CA PRO B 722 -27.33 7.51 -27.02
C PRO B 722 -26.29 8.38 -27.70
N TRP B 723 -26.12 9.59 -27.19
CA TRP B 723 -25.13 10.53 -27.70
C TRP B 723 -23.94 10.54 -26.76
N LEU B 724 -22.76 10.24 -27.28
CA LEU B 724 -21.57 10.05 -26.47
C LEU B 724 -20.68 11.27 -26.52
N SER B 725 -20.09 11.61 -25.37
CA SER B 725 -19.19 12.74 -25.25
C SER B 725 -17.86 12.28 -24.68
N ALA B 726 -16.79 12.97 -25.04
CA ALA B 726 -15.45 12.60 -24.61
C ALA B 726 -15.35 12.70 -23.09
N THR B 727 -15.04 11.57 -22.45
CA THR B 727 -14.91 11.54 -21.00
C THR B 727 -13.63 12.24 -20.57
N THR B 728 -13.69 12.93 -19.43
CA THR B 728 -12.52 13.67 -18.95
C THR B 728 -11.45 12.72 -18.43
N VAL B 729 -11.81 11.84 -17.51
CA VAL B 729 -10.82 10.95 -16.90
C VAL B 729 -10.21 10.03 -17.94
N ARG B 730 -11.04 9.44 -18.80
CA ARG B 730 -10.51 8.52 -19.81
C ARG B 730 -9.60 9.25 -20.80
N SER B 731 -9.99 10.47 -21.20
CA SER B 731 -9.15 11.23 -22.11
C SER B 731 -7.80 11.55 -21.47
N VAL B 732 -7.82 12.03 -20.22
CA VAL B 732 -6.59 12.37 -19.53
C VAL B 732 -5.72 11.13 -19.34
N THR B 733 -6.35 9.98 -19.05
CA THR B 733 -5.61 8.75 -18.83
C THR B 733 -5.01 8.22 -20.12
N HIS B 734 -5.71 8.39 -21.25
CA HIS B 734 -5.15 8.01 -22.53
C HIS B 734 -4.00 8.93 -22.92
N ALA B 735 -4.09 10.21 -22.55
CA ALA B 735 -2.98 11.12 -22.78
C ALA B 735 -1.77 10.71 -21.95
N ASN B 736 -1.98 10.44 -20.66
CA ASN B 736 -0.88 10.06 -19.79
C ASN B 736 -0.25 8.74 -20.21
N ALA B 737 -1.08 7.79 -20.63
CA ALA B 737 -0.55 6.50 -21.06
C ALA B 737 0.35 6.66 -22.27
N LEU B 738 -0.02 7.53 -23.21
CA LEU B 738 0.80 7.79 -24.39
C LEU B 738 1.95 8.75 -24.09
N THR B 739 1.93 9.42 -22.95
CA THR B 739 2.99 10.37 -22.62
C THR B 739 4.31 9.64 -22.38
N VAL B 740 5.39 10.20 -22.91
CA VAL B 740 6.74 9.71 -22.71
C VAL B 740 7.51 10.77 -21.94
N MET B 741 8.04 10.40 -20.78
CA MET B 741 8.72 11.34 -19.89
C MET B 741 10.22 11.06 -19.91
N GLY B 742 11.00 12.12 -20.13
CA GLY B 742 12.44 11.98 -20.08
C GLY B 742 12.94 11.83 -18.64
N LYS B 743 14.09 11.19 -18.51
CA LYS B 743 14.68 10.96 -17.20
C LYS B 743 15.01 12.27 -16.51
N ALA B 751 10.61 13.12 -14.82
CA ALA B 751 10.59 14.41 -14.16
C ALA B 751 9.92 15.47 -15.04
N GLN B 752 9.83 15.19 -16.33
CA GLN B 752 9.23 16.13 -17.27
C GLN B 752 8.69 15.35 -18.47
N ILE B 753 7.78 15.99 -19.19
CA ILE B 753 7.14 15.37 -20.36
C ILE B 753 8.01 15.69 -21.57
N GLN B 754 8.84 14.72 -21.96
CA GLN B 754 9.67 14.91 -23.15
C GLN B 754 8.80 15.07 -24.40
N GLU B 755 7.76 14.24 -24.52
CA GLU B 755 6.87 14.28 -25.67
C GLU B 755 5.60 13.52 -25.31
N VAL B 756 4.66 13.51 -26.26
CA VAL B 756 3.46 12.69 -26.16
C VAL B 756 3.25 12.01 -27.51
N LYS B 757 2.98 10.71 -27.49
CA LYS B 757 2.74 9.99 -28.72
C LYS B 757 1.33 10.28 -29.24
N GLU B 758 1.24 10.74 -30.47
CA GLU B 758 -0.03 11.10 -31.11
C GLU B 758 -0.29 10.11 -32.25
N GLN B 759 -1.17 9.15 -32.00
CA GLN B 759 -1.54 8.16 -33.01
C GLN B 759 -3.05 8.09 -33.10
N ARG B 760 -3.56 7.82 -34.30
CA ARG B 760 -4.96 7.51 -34.50
C ARG B 760 -5.26 6.02 -34.31
N ILE B 761 -4.24 5.21 -34.07
CA ILE B 761 -4.45 3.77 -33.96
C ILE B 761 -4.83 3.34 -32.54
N SER B 762 -4.42 4.10 -31.52
CA SER B 762 -4.78 3.72 -30.16
C SER B 762 -6.28 3.78 -29.94
N GLY B 763 -6.90 4.91 -30.27
CA GLY B 763 -8.34 5.03 -30.12
C GLY B 763 -9.10 4.10 -31.04
N LEU B 764 -8.62 3.95 -32.28
CA LEU B 764 -9.27 3.03 -33.22
C LEU B 764 -9.24 1.61 -32.69
N LEU B 765 -8.09 1.17 -32.17
CA LEU B 765 -7.98 -0.18 -31.63
C LEU B 765 -8.84 -0.35 -30.38
N VAL B 766 -8.91 0.68 -29.54
CA VAL B 766 -9.77 0.59 -28.36
C VAL B 766 -11.23 0.43 -28.77
N ALA B 767 -11.66 1.22 -29.76
CA ALA B 767 -13.04 1.10 -30.24
C ALA B 767 -13.29 -0.26 -30.87
N VAL B 768 -12.33 -0.78 -31.63
CA VAL B 768 -12.49 -2.09 -32.24
C VAL B 768 -12.62 -3.16 -31.16
N LEU B 769 -11.79 -3.08 -30.12
CA LEU B 769 -11.87 -4.04 -29.03
C LEU B 769 -13.21 -3.93 -28.32
N VAL B 770 -13.69 -2.71 -28.08
CA VAL B 770 -14.98 -2.53 -27.43
C VAL B 770 -16.08 -3.18 -28.27
N GLY B 771 -16.05 -2.96 -29.58
CA GLY B 771 -17.01 -3.63 -30.45
C GLY B 771 -16.86 -5.14 -30.44
N LEU B 772 -15.63 -5.63 -30.22
CA LEU B 772 -15.34 -7.05 -30.17
C LEU B 772 -15.57 -7.65 -28.78
N SER B 773 -16.01 -6.85 -27.82
CA SER B 773 -16.17 -7.35 -26.46
C SER B 773 -17.18 -8.50 -26.41
N ILE B 774 -18.30 -8.36 -27.12
CA ILE B 774 -19.30 -9.41 -27.13
C ILE B 774 -18.72 -10.70 -27.70
N LEU B 775 -17.87 -10.58 -28.73
CA LEU B 775 -17.23 -11.75 -29.32
C LEU B 775 -16.16 -12.36 -28.41
N MET B 776 -15.63 -11.57 -27.47
CA MET B 776 -14.63 -12.04 -26.52
C MET B 776 -15.24 -12.34 -25.15
N GLU B 777 -16.50 -12.78 -25.13
CA GLU B 777 -17.17 -13.03 -23.85
C GLU B 777 -16.44 -14.03 -22.96
N PRO B 778 -15.93 -15.17 -23.45
CA PRO B 778 -15.33 -16.14 -22.52
C PRO B 778 -14.20 -15.58 -21.70
N ILE B 779 -13.40 -14.66 -22.24
CA ILE B 779 -12.30 -14.10 -21.47
C ILE B 779 -12.77 -12.93 -20.62
N LEU B 780 -13.63 -12.07 -21.16
CA LEU B 780 -14.06 -10.89 -20.42
C LEU B 780 -14.92 -11.26 -19.23
N SER B 781 -15.67 -12.37 -19.30
CA SER B 781 -16.49 -12.78 -18.18
C SER B 781 -15.66 -13.24 -16.99
N ARG B 782 -14.34 -13.44 -17.18
CA ARG B 782 -13.47 -13.83 -16.09
C ARG B 782 -13.01 -12.64 -15.26
N ILE B 783 -13.26 -11.42 -15.71
CA ILE B 783 -12.78 -10.22 -15.02
C ILE B 783 -13.78 -9.80 -13.95
N PRO B 784 -13.41 -9.81 -12.67
CA PRO B 784 -14.32 -9.30 -11.65
C PRO B 784 -14.47 -7.79 -11.72
N LEU B 785 -15.55 -7.31 -11.10
CA LEU B 785 -15.78 -5.87 -11.05
C LEU B 785 -14.87 -5.19 -10.04
N ALA B 786 -14.36 -5.93 -9.05
CA ALA B 786 -13.47 -5.33 -8.06
C ALA B 786 -12.17 -4.86 -8.70
N VAL B 787 -11.64 -5.64 -9.63
CA VAL B 787 -10.41 -5.26 -10.32
C VAL B 787 -10.61 -3.95 -11.06
N LEU B 788 -11.73 -3.83 -11.76
CA LEU B 788 -12.01 -2.61 -12.52
C LEU B 788 -12.30 -1.44 -11.58
N PHE B 789 -12.91 -1.68 -10.43
CA PHE B 789 -13.11 -0.61 -9.46
C PHE B 789 -11.77 -0.08 -8.95
N GLY B 790 -10.84 -0.98 -8.65
CA GLY B 790 -9.52 -0.55 -8.25
C GLY B 790 -8.81 0.20 -9.37
N ILE B 791 -8.98 -0.26 -10.61
CA ILE B 791 -8.37 0.43 -11.74
C ILE B 791 -8.94 1.83 -11.89
N PHE B 792 -10.23 2.00 -11.64
CA PHE B 792 -10.83 3.34 -11.74
C PHE B 792 -10.36 4.24 -10.60
N LEU B 793 -10.21 3.69 -9.39
CA LEU B 793 -9.63 4.46 -8.31
C LEU B 793 -8.23 4.93 -8.69
N TYR B 794 -7.43 4.02 -9.26
CA TYR B 794 -6.09 4.39 -9.71
C TYR B 794 -6.15 5.45 -10.79
N MET B 795 -7.10 5.34 -11.72
CA MET B 795 -7.22 6.31 -12.79
C MET B 795 -7.53 7.69 -12.24
N GLY B 796 -8.45 7.77 -11.29
CA GLY B 796 -8.73 9.06 -10.65
C GLY B 796 -7.51 9.62 -9.94
N VAL B 797 -6.81 8.76 -9.19
CA VAL B 797 -5.64 9.21 -8.44
C VAL B 797 -4.60 9.77 -9.39
N THR B 798 -4.34 9.08 -10.49
CA THR B 798 -3.38 9.57 -11.47
C THR B 798 -3.88 10.83 -12.17
N SER B 799 -5.19 10.95 -12.37
CA SER B 799 -5.74 12.16 -12.97
C SER B 799 -5.52 13.36 -12.07
N LEU B 800 -5.47 13.15 -10.76
CA LEU B 800 -5.22 14.26 -9.84
C LEU B 800 -3.81 14.83 -9.96
N SER B 801 -2.91 14.18 -10.69
CA SER B 801 -1.50 14.55 -10.65
C SER B 801 -1.28 15.96 -11.19
N GLY B 802 -1.78 16.25 -12.39
CA GLY B 802 -1.40 17.44 -13.11
C GLY B 802 -2.21 18.69 -12.83
N ILE B 803 -3.09 18.68 -11.83
CA ILE B 803 -3.97 19.81 -11.56
C ILE B 803 -3.31 20.69 -10.51
N GLN B 804 -3.15 21.97 -10.84
CA GLN B 804 -2.56 22.90 -9.87
C GLN B 804 -3.48 23.18 -8.69
N LEU B 805 -4.79 22.96 -8.84
CA LEU B 805 -5.68 23.06 -7.69
C LEU B 805 -5.34 22.01 -6.65
N PHE B 806 -5.04 20.79 -7.08
CA PHE B 806 -4.57 19.77 -6.15
C PHE B 806 -3.24 20.17 -5.53
N ASP B 807 -2.35 20.77 -6.31
CA ASP B 807 -1.08 21.21 -5.78
C ASP B 807 -1.27 22.25 -4.68
N ARG B 808 -2.16 23.22 -4.90
CA ARG B 808 -2.40 24.24 -3.88
C ARG B 808 -3.17 23.67 -2.69
N ILE B 809 -4.02 22.68 -2.91
CA ILE B 809 -4.68 22.01 -1.80
C ILE B 809 -3.64 21.32 -0.92
N LEU B 810 -2.65 20.68 -1.55
CA LEU B 810 -1.55 20.11 -0.77
C LEU B 810 -0.75 21.22 -0.07
N LEU B 811 -0.50 22.32 -0.76
CA LEU B 811 0.26 23.42 -0.17
C LEU B 811 -0.45 23.99 1.06
N LEU B 812 -1.78 23.93 1.09
CA LEU B 812 -2.50 24.37 2.28
C LEU B 812 -1.95 23.68 3.53
N PHE B 813 -1.57 22.42 3.39
CA PHE B 813 -1.06 21.66 4.54
C PHE B 813 0.43 21.86 4.74
N LYS B 814 1.19 22.09 3.66
CA LYS B 814 2.62 22.30 3.80
C LYS B 814 2.89 23.61 4.54
N PRO B 815 3.93 23.67 5.37
CA PRO B 815 4.36 24.95 5.94
C PRO B 815 4.94 25.85 4.87
N PRO B 816 4.95 27.17 5.09
CA PRO B 816 5.40 28.08 4.03
C PRO B 816 6.81 27.79 3.53
N LYS B 817 7.72 27.36 4.39
CA LYS B 817 9.11 27.17 3.96
C LYS B 817 9.23 26.05 2.94
N TYR B 818 8.35 25.05 2.99
CA TYR B 818 8.42 23.91 2.09
C TYR B 818 7.70 24.15 0.76
N HIS B 819 7.09 25.32 0.57
CA HIS B 819 6.37 25.57 -0.66
C HIS B 819 7.34 25.55 -1.84
N PRO B 820 6.95 24.98 -2.98
CA PRO B 820 7.87 24.92 -4.12
C PRO B 820 8.23 26.32 -4.61
N ASP B 821 9.14 26.35 -5.58
CA ASP B 821 9.55 27.60 -6.22
C ASP B 821 8.74 27.75 -7.51
N VAL B 822 7.56 28.34 -7.39
CA VAL B 822 6.65 28.49 -8.53
C VAL B 822 6.19 29.93 -8.58
N PRO B 823 5.71 30.39 -9.74
CA PRO B 823 5.33 31.80 -9.86
C PRO B 823 4.28 32.24 -8.85
N TYR B 824 3.30 31.38 -8.53
CA TYR B 824 2.22 31.79 -7.64
C TYR B 824 2.57 31.64 -6.16
N VAL B 825 3.75 31.10 -5.84
CA VAL B 825 4.19 31.01 -4.46
C VAL B 825 5.04 32.21 -4.06
N LYS B 826 6.04 32.53 -4.90
CA LYS B 826 6.93 33.65 -4.58
C LYS B 826 6.23 34.99 -4.77
N ARG B 827 5.48 35.13 -5.86
CA ARG B 827 4.89 36.42 -6.20
C ARG B 827 3.68 36.75 -5.35
N VAL B 828 2.97 35.74 -4.84
CA VAL B 828 1.70 35.93 -4.15
C VAL B 828 1.91 35.66 -2.66
N LYS B 829 1.33 36.52 -1.83
CA LYS B 829 1.37 36.28 -0.39
C LYS B 829 0.61 35.00 -0.06
N THR B 830 1.08 34.31 0.99
CA THR B 830 0.55 32.98 1.28
C THR B 830 -0.95 33.02 1.57
N TRP B 831 -1.40 34.01 2.36
CA TRP B 831 -2.80 34.05 2.74
C TRP B 831 -3.70 34.36 1.56
N ARG B 832 -3.24 35.19 0.62
CA ARG B 832 -4.04 35.45 -0.58
C ARG B 832 -4.15 34.21 -1.45
N MET B 833 -3.06 33.46 -1.58
CA MET B 833 -3.12 32.20 -2.33
C MET B 833 -4.06 31.21 -1.66
N HIS B 834 -4.04 31.16 -0.33
CA HIS B 834 -4.97 30.30 0.39
C HIS B 834 -6.40 30.76 0.22
N LEU B 835 -6.64 32.07 0.14
CA LEU B 835 -7.98 32.56 -0.15
C LEU B 835 -8.45 32.13 -1.53
N PHE B 836 -7.56 32.22 -2.52
CA PHE B 836 -7.89 31.74 -3.86
C PHE B 836 -8.24 30.25 -3.84
N THR B 837 -7.43 29.46 -3.13
CA THR B 837 -7.70 28.04 -3.03
C THR B 837 -9.03 27.77 -2.34
N GLY B 838 -9.34 28.55 -1.30
CA GLY B 838 -10.61 28.39 -0.61
C GLY B 838 -11.79 28.73 -1.48
N ILE B 839 -11.66 29.78 -2.31
CA ILE B 839 -12.73 30.13 -3.24
C ILE B 839 -12.95 29.01 -4.24
N GLN B 840 -11.86 28.44 -4.77
CA GLN B 840 -12.01 27.33 -5.70
C GLN B 840 -12.65 26.11 -5.01
N ILE B 841 -12.30 25.88 -3.74
CA ILE B 841 -12.89 24.77 -3.01
C ILE B 841 -14.37 25.01 -2.77
N ILE B 842 -14.76 26.26 -2.53
CA ILE B 842 -16.17 26.59 -2.37
C ILE B 842 -16.92 26.33 -3.67
N CYS B 843 -16.32 26.70 -4.80
CA CYS B 843 -16.93 26.40 -6.09
C CYS B 843 -17.09 24.90 -6.28
N LEU B 844 -16.06 24.13 -5.91
CA LEU B 844 -16.16 22.67 -6.00
C LEU B 844 -17.28 22.13 -5.12
N ALA B 845 -17.40 22.67 -3.91
CA ALA B 845 -18.46 22.21 -3.00
C ALA B 845 -19.83 22.52 -3.58
N VAL B 846 -20.00 23.70 -4.18
CA VAL B 846 -21.28 24.04 -4.79
C VAL B 846 -21.58 23.10 -5.94
N LEU B 847 -20.58 22.81 -6.77
CA LEU B 847 -20.79 21.88 -7.88
C LEU B 847 -21.18 20.50 -7.37
N TRP B 848 -20.51 20.02 -6.32
CA TRP B 848 -20.84 18.72 -5.76
C TRP B 848 -22.26 18.70 -5.21
N VAL B 849 -22.66 19.75 -4.49
CA VAL B 849 -24.00 19.82 -3.94
C VAL B 849 -25.03 19.82 -5.08
N VAL B 850 -24.73 20.49 -6.18
CA VAL B 850 -25.64 20.50 -7.32
C VAL B 850 -25.71 19.10 -7.93
N LYS B 851 -24.57 18.40 -7.99
CA LYS B 851 -24.57 17.06 -8.56
C LYS B 851 -25.41 16.11 -7.71
N SER B 852 -25.34 16.23 -6.38
CA SER B 852 -26.10 15.34 -5.51
C SER B 852 -27.59 15.66 -5.55
N THR B 853 -27.94 16.93 -5.48
CA THR B 853 -29.34 17.33 -5.47
C THR B 853 -29.97 17.01 -6.83
N PRO B 854 -31.28 16.76 -6.87
CA PRO B 854 -31.90 16.31 -8.14
C PRO B 854 -31.79 17.32 -9.29
N ALA B 855 -31.19 18.49 -9.06
CA ALA B 855 -30.86 19.42 -10.12
C ALA B 855 -29.50 19.12 -10.76
N SER B 856 -29.06 17.86 -10.68
CA SER B 856 -27.75 17.50 -11.20
C SER B 856 -27.60 17.82 -12.68
N LEU B 857 -28.71 17.90 -13.42
CA LEU B 857 -28.63 18.17 -14.85
C LEU B 857 -28.15 19.59 -15.13
N ALA B 858 -28.35 20.50 -14.18
CA ALA B 858 -27.88 21.88 -14.32
C ALA B 858 -26.42 22.04 -13.93
N LEU B 859 -25.73 20.96 -13.57
CA LEU B 859 -24.33 21.05 -13.16
C LEU B 859 -23.45 21.75 -14.19
N PRO B 860 -23.55 21.47 -15.49
CA PRO B 860 -22.74 22.22 -16.46
C PRO B 860 -23.03 23.71 -16.45
N PHE B 861 -24.28 24.12 -16.21
CA PHE B 861 -24.56 25.55 -16.11
C PHE B 861 -23.81 26.17 -14.93
N VAL B 862 -23.81 25.50 -13.78
CA VAL B 862 -23.08 26.01 -12.63
C VAL B 862 -21.59 26.04 -12.94
N LEU B 863 -21.10 25.04 -13.67
CA LEU B 863 -19.70 25.02 -14.05
C LEU B 863 -19.34 26.23 -14.91
N ILE B 864 -20.19 26.56 -15.89
CA ILE B 864 -19.93 27.71 -16.73
C ILE B 864 -20.12 29.02 -15.97
N LEU B 865 -20.89 29.01 -14.88
CA LEU B 865 -21.02 30.22 -14.08
C LEU B 865 -19.69 30.65 -13.48
N THR B 866 -18.70 29.75 -13.43
CA THR B 866 -17.40 30.12 -12.88
C THR B 866 -16.66 31.11 -13.76
N VAL B 867 -16.92 31.09 -15.07
CA VAL B 867 -16.27 32.06 -15.96
C VAL B 867 -16.67 33.49 -15.62
N PRO B 868 -17.96 33.82 -15.47
CA PRO B 868 -18.30 35.16 -14.94
C PRO B 868 -17.64 35.44 -13.61
N LEU B 869 -17.51 34.44 -12.75
CA LEU B 869 -16.86 34.66 -11.47
C LEU B 869 -15.41 35.10 -11.66
N ARG B 870 -14.69 34.42 -12.55
CA ARG B 870 -13.28 34.76 -12.78
C ARG B 870 -13.13 36.11 -13.45
N ARG B 871 -14.02 36.43 -14.39
CA ARG B 871 -13.87 37.66 -15.15
C ARG B 871 -14.49 38.87 -14.46
N VAL B 872 -15.27 38.68 -13.39
CA VAL B 872 -15.96 39.79 -12.74
C VAL B 872 -15.61 39.84 -11.26
N LEU B 873 -15.96 38.79 -10.53
CA LEU B 873 -15.86 38.85 -9.07
C LEU B 873 -14.41 38.81 -8.60
N LEU B 874 -13.61 37.89 -9.14
CA LEU B 874 -12.25 37.71 -8.64
C LEU B 874 -11.40 38.97 -8.79
N PRO B 875 -11.43 39.70 -9.90
CA PRO B 875 -10.60 40.91 -10.00
C PRO B 875 -10.87 41.91 -8.88
N LEU B 876 -12.08 41.91 -8.32
CA LEU B 876 -12.37 42.83 -7.22
C LEU B 876 -11.52 42.51 -6.00
N ILE B 877 -11.32 41.22 -5.71
CA ILE B 877 -10.59 40.83 -4.50
C ILE B 877 -9.09 40.69 -4.76
N PHE B 878 -8.69 40.30 -5.97
CA PHE B 878 -7.31 40.00 -6.30
C PHE B 878 -6.76 41.03 -7.28
N ARG B 879 -5.58 41.55 -6.99
CA ARG B 879 -4.90 42.41 -7.94
C ARG B 879 -4.61 41.64 -9.21
N ASN B 880 -4.28 42.37 -10.28
CA ASN B 880 -4.03 41.73 -11.56
C ASN B 880 -2.83 40.79 -11.48
N VAL B 881 -1.78 41.19 -10.77
CA VAL B 881 -0.57 40.38 -10.70
C VAL B 881 -0.87 39.05 -10.03
N GLU B 882 -1.66 39.07 -8.95
CA GLU B 882 -2.00 37.82 -8.27
C GLU B 882 -2.74 36.87 -9.20
N LEU B 883 -3.68 37.40 -9.98
CA LEU B 883 -4.42 36.55 -10.91
C LEU B 883 -3.51 36.02 -12.01
N GLN B 884 -2.61 36.86 -12.52
CA GLN B 884 -1.67 36.38 -13.53
C GLN B 884 -0.84 35.22 -12.99
N CYS B 885 -0.37 35.34 -11.75
CA CYS B 885 0.43 34.27 -11.17
C CYS B 885 -0.39 33.01 -10.92
N LEU B 886 -1.56 33.16 -10.28
CA LEU B 886 -2.33 32.01 -9.84
C LEU B 886 -2.96 31.26 -11.01
N ASP B 887 -3.59 32.01 -11.92
CA ASP B 887 -4.38 31.42 -13.00
C ASP B 887 -3.65 31.47 -14.34
N ALA B 888 -2.33 31.28 -14.32
CA ALA B 888 -1.55 31.33 -15.55
C ALA B 888 -2.08 30.31 -16.55
N ASP B 889 -2.26 30.76 -17.80
CA ASP B 889 -2.77 29.86 -18.83
C ASP B 889 -1.81 28.70 -19.08
N ASP B 890 -0.51 28.98 -19.02
CA ASP B 890 0.50 27.94 -19.19
C ASP B 890 1.64 28.20 -18.21
N ALA B 891 2.58 27.25 -18.16
CA ALA B 891 3.74 27.35 -17.27
C ALA B 891 4.79 28.22 -17.95
N LYS B 892 4.56 29.53 -17.91
CA LYS B 892 5.46 30.50 -18.50
C LYS B 892 5.58 31.70 -17.57
N ALA B 893 6.62 32.50 -17.80
CA ALA B 893 6.85 33.68 -16.97
C ALA B 893 5.62 34.59 -16.99
N THR B 894 5.22 35.05 -15.82
CA THR B 894 4.06 35.91 -15.69
C THR B 894 4.34 37.08 -14.76
C1 NAG C . 1.07 -31.70 33.37
C2 NAG C . 0.16 -31.78 32.15
C3 NAG C . -0.49 -33.16 32.13
C4 NAG C . 0.57 -34.25 32.12
C5 NAG C . 1.63 -34.01 33.22
C6 NAG C . 2.87 -34.88 33.07
C7 NAG C . -1.56 -30.33 33.20
C8 NAG C . -2.54 -29.22 32.91
N2 NAG C . -0.84 -30.74 32.14
O3 NAG C . -1.32 -33.24 31.01
O4 NAG C . -0.13 -35.46 32.32
O5 NAG C . 2.08 -32.67 33.21
O6 NAG C . 3.40 -35.19 34.34
O7 NAG C . -1.44 -30.81 34.31
H2 NAG C . 0.70 -31.68 31.35
H3 NAG C . -1.01 -33.26 32.95
H4 NAG C . 1.01 -34.24 31.26
H5 NAG C . 1.24 -34.23 34.08
H61 NAG C . 3.51 -34.39 32.52
H62 NAG C . 2.64 -35.66 32.57
H81 NAG C . -3.44 -29.55 33.00
H82 NAG C . -2.42 -28.93 32.00
H83 NAG C . -2.44 -28.45 33.50
HN2 NAG C . -0.99 -30.35 31.38
HO3 NAG C . -0.83 -33.14 30.31
C1 NAG C . 0.50 -36.52 31.56
C2 NAG C . 0.55 -37.77 32.46
C3 NAG C . 1.24 -38.90 31.70
C4 NAG C . 0.56 -39.12 30.36
C5 NAG C . 0.45 -37.79 29.59
C6 NAG C . -0.25 -37.90 28.26
C7 NAG C . 0.60 -37.39 34.90
C8 NAG C . 1.52 -37.10 36.06
N2 NAG C . 1.22 -37.49 33.70
O3 NAG C . 1.21 -40.04 32.50
O4 NAG C . 1.33 -40.07 29.65
O5 NAG C . -0.22 -36.85 30.40
O6 NAG C . -0.40 -36.63 27.69
O7 NAG C . -0.60 -37.53 35.05
H2 NAG C . -0.36 -38.04 32.65
H3 NAG C . 2.16 -38.62 31.52
H4 NAG C . -0.34 -39.46 30.53
H5 NAG C . 1.35 -37.48 29.40
H61 NAG C . -1.12 -38.33 28.41
H62 NAG C . 0.26 -38.51 27.70
H81 NAG C . 1.46 -37.83 36.70
H82 NAG C . 1.21 -36.29 36.51
H83 NAG C . 2.44 -36.97 35.81
HN2 NAG C . 2.06 -37.38 33.67
HO3 NAG C . 0.40 -40.26 32.64
HO4 NAG C . 1.96 -39.66 29.24
HO6 NAG C . 0.38 -36.33 27.51
C1 FUC C . 4.46 -34.27 34.64
C2 FUC C . 4.90 -34.56 36.09
C3 FUC C . 5.64 -35.89 36.20
C4 FUC C . 6.79 -35.95 35.21
C5 FUC C . 6.22 -35.70 33.81
C6 FUC C . 7.28 -35.70 32.72
O2 FUC C . 3.76 -34.52 36.89
O3 FUC C . 6.04 -36.04 37.54
O4 FUC C . 7.76 -34.99 35.58
O5 FUC C . 5.56 -34.44 33.76
H2 FUC C . 5.53 -33.85 36.33
H3 FUC C . 5.01 -36.60 35.95
H4 FUC C . 7.17 -36.85 35.22
H5 FUC C . 5.60 -36.43 33.62
H61 FUC C . 6.87 -35.62 31.85
H62 FUC C . 7.81 -36.51 32.74
H63 FUC C . 7.89 -34.95 32.84
HO2 FUC C . 4.01 -34.59 37.70
HO3 FUC C . 6.61 -35.44 37.72
HO4 FUC C . 7.95 -35.11 36.40
C1 PIO D . 22.15 0.40 -18.28
O1 PIO D . 22.37 -0.28 -19.49
P1 PIO D . 23.39 -1.57 -19.48
C2 PIO D . 20.64 0.47 -18.03
O2 PIO D . 20.12 -0.83 -18.07
C3 PIO D . 19.94 1.32 -19.09
O3 PIO D . 20.11 0.72 -20.34
C4 PIO D . 20.51 2.75 -19.15
O4 PIO D . 20.10 3.46 -18.01
P4 PIO D . 18.83 4.50 -18.19
C5 PIO D . 22.05 2.79 -19.26
O5 PIO D . 22.41 2.55 -20.60
P5 PIO D . 22.79 3.86 -21.53
C6 PIO D . 22.79 1.80 -18.35
O6 PIO D . 22.84 2.33 -17.05
O11 PIO D . 24.68 -1.18 -20.18
O12 PIO D . 22.76 -2.72 -20.22
O13 PIO D . 23.73 -2.01 -17.93
C1A PIO D . 21.32 -4.01 -14.86
O1A PIO D . 20.76 -2.96 -14.87
C1B PIO D . 20.39 -6.68 -18.01
O1B PIO D . 19.56 -6.23 -18.72
C1C PIO D . 23.64 -3.35 -17.54
C2A PIO D . 20.91 -5.07 -13.84
C2B PIO D . 20.41 -8.17 -17.70
C2C PIO D . 22.23 -3.65 -17.03
O2C PIO D . 22.34 -4.29 -15.79
C3A PIO D . 19.53 -5.61 -14.22
C3B PIO D . 19.04 -8.81 -17.92
C3C PIO D . 21.45 -4.55 -17.99
O3C PIO D . 21.35 -5.84 -17.43
O41 PIO D . 18.50 4.63 -19.65
O42 PIO D . 17.62 3.96 -17.45
O43 PIO D . 19.18 5.85 -17.62
C4A PIO D . 19.11 -6.74 -13.28
C4B PIO D . 18.23 -8.70 -16.63
O51 PIO D . 24.28 4.05 -21.53
O52 PIO D . 22.30 3.65 -22.94
O53 PIO D . 22.12 5.08 -20.95
C5A PIO D . 20.05 -7.93 -13.45
C5B PIO D . 16.75 -8.47 -16.93
C6A PIO D . 19.32 -9.24 -13.12
C6B PIO D . 15.98 -8.10 -15.66
C7A PIO D . 18.74 -9.16 -11.70
C7B PIO D . 15.79 -9.32 -14.75
C8A PIO D . 18.47 -10.58 -11.21
C8B PIO D . 14.47 -10.02 -15.11
H1C PIO D . 23.88 -3.99 -18.39
H1CA PIO D . 24.35 -3.54 -16.74
H3C PIO D . 21.96 -4.62 -18.94
H3CA PIO D . 20.47 -4.14 -18.13
H2A PIO D . 20.88 -4.62 -12.85
H3A PIO D . 18.80 -4.79 -14.14
H4A PIO D . 18.09 -7.04 -13.52
H5A PIO D . 20.39 -7.98 -14.48
H6A PIO D . 20.03 -10.05 -13.17
H7A PIO D . 17.82 -8.60 -11.72
H8A PIO D . 18.03 -11.17 -12.02
H2AA PIO D . 21.64 -5.87 -13.86
H3AA PIO D . 19.54 -5.97 -15.23
H4AA PIO D . 19.15 -6.39 -12.26
H5AA PIO D . 20.90 -7.81 -12.80
H6AA PIO D . 18.52 -9.39 -13.82
H7AA PIO D . 19.46 -8.69 -11.04
H8AA PIO D . 19.40 -11.05 -10.90
H8AB PIO D . 17.77 -10.55 -10.38
H2B PIO D . 21.14 -8.66 -18.36
H3B PIO D . 19.16 -9.86 -18.16
H4B PIO D . 18.60 -7.88 -16.02
H5B PIO D . 16.65 -7.64 -17.64
H6B PIO D . 15.00 -7.71 -15.94
H7B PIO D . 16.60 -10.02 -14.88
H8B PIO D . 14.37 -10.06 -16.19
H2BA PIO D . 20.71 -8.32 -16.67
H3BA PIO D . 18.52 -8.31 -18.72
H4BA PIO D . 18.33 -9.63 -16.07
H5BA PIO D . 16.32 -9.36 -17.37
H6BA PIO D . 16.52 -7.33 -15.12
H7BA PIO D . 15.75 -8.99 -13.72
H8BA PIO D . 13.63 -9.45 -14.69
H8BB PIO D . 14.48 -11.02 -14.70
H2C PIO D . 21.70 -2.72 -16.92
C1 PLC E . -4.05 -22.97 0.84
C2 PLC E . -4.26 -21.47 0.86
C3 PLC E . -5.64 -21.01 1.26
C4 PLC E . -3.74 -26.19 1.92
C5 PLC E . -3.91 -27.65 2.26
C6 PLC E . -4.03 -29.53 3.87
C7 PLC E . -5.33 -27.52 4.21
C8 PLC E . -2.94 -27.46 4.55
C' PLC E . -2.56 -19.84 1.29
C1' PLC E . -3.36 -18.68 0.79
C2' PLC E . -2.54 -17.42 0.54
C3' PLC E . -2.56 -16.50 1.75
C4' PLC E . -1.42 -15.49 1.77
C5' PLC E . -1.73 -14.21 1.01
C6' PLC E . -0.70 -13.11 1.26
C7' PLC E . -0.98 -11.84 0.46
C8' PLC E . 0.00 -10.71 0.79
C9' PLC E . -0.51 -9.77 1.88
CA' PLC E . 0.56 -8.79 2.37
CB' PLC E . -0.02 -7.66 3.21
CB PLC E . -7.84 -21.15 0.45
C1B PLC E . -8.22 -20.61 -0.90
C2B PLC E . -7.18 -19.70 -1.52
C3B PLC E . -7.18 -18.31 -0.90
C4B PLC E . -6.31 -17.33 -1.65
C5B PLC E . -6.49 -15.88 -1.20
C6B PLC E . -5.18 -15.12 -1.12
C7B PLC E . -5.33 -13.61 -0.98
C8B PLC E . -5.33 -12.87 -2.31
C9B PLC E . -4.90 -11.42 -2.20
CAA PLC E . -3.40 -11.21 -2.26
CBA PLC E . -3.01 -9.86 -2.88
O' PLC E . -1.36 -19.90 1.30
OB PLC E . -8.54 -21.13 1.44
O2 PLC E . -3.34 -20.82 1.74
O3 PLC E . -6.61 -21.65 0.44
O1P PLC E . -6.52 -24.41 -0.10
O2P PLC E . -6.65 -25.46 2.27
O3P PLC E . -4.91 -23.61 1.75
O4P PLC E . -4.55 -25.80 0.84
N PLC E . -4.03 -28.05 3.72
P PLC E . -5.84 -24.83 1.17
H11 PLC E . -3.12 -23.12 1.06
H12 PLC E . -4.19 -23.29 -0.06
H2 PLC E . -4.14 -21.15 -0.05
H31 PLC E . -5.69 -20.05 1.17
H32 PLC E . -5.80 -21.23 2.19
H41 PLC E . -3.88 -25.64 2.72
H42 PLC E . -2.81 -26.09 1.69
H51 PLC E . -3.11 -28.11 1.93
H52 PLC E . -4.67 -28.03 1.81
H61 PLC E . -4.14 -29.76 4.81
H62 PLC E . -4.74 -29.90 3.34
H63 PLC E . -3.18 -29.86 3.55
H71 PLC E . -6.05 -27.90 3.67
H72 PLC E . -5.45 -27.78 5.14
H73 PLC E . -5.35 -26.55 4.14
H81 PLC E . -2.17 -27.27 4.00
H82 PLC E . -2.69 -28.11 5.23
H83 PLC E . -3.27 -26.65 4.98
H1'1 PLC E . -3.83 -18.94 -0.02
H1'2 PLC E . -4.06 -18.49 1.44
H2'1 PLC E . -1.62 -17.65 0.32
H2'2 PLC E . -2.89 -16.94 -0.23
H3'1 PLC E . -3.40 -16.03 1.78
H3'2 PLC E . -2.52 -17.03 2.56
H4'1 PLC E . -1.20 -15.27 2.69
H4'2 PLC E . -0.62 -15.90 1.39
H5'1 PLC E . -2.61 -13.89 1.25
H5'2 PLC E . -1.76 -14.40 0.06
H6'1 PLC E . 0.18 -13.44 1.05
H6'2 PLC E . -0.69 -12.90 2.21
H7'1 PLC E . -0.94 -12.04 -0.48
H7'2 PLC E . -1.89 -11.54 0.63
H8'1 PLC E . 0.17 -10.19 -0.02
H8'2 PLC E . 0.85 -11.08 1.05
H9'1 PLC E . -0.83 -10.29 2.63
H9'2 PLC E . -1.28 -9.28 1.55
HT'1 PLC E . 1.02 -8.42 1.61
HT'2 PLC E . 1.22 -9.27 2.88
HE'1 PLC E . -0.63 -7.11 2.70
HE'2 PLC E . -0.50 -8.01 3.98
HE'3 PLC E . 0.68 -7.08 3.55
H1A1 PLC E . -9.07 -20.14 -0.81
H1A2 PLC E . -8.42 -21.36 -1.48
H2A1 PLC E . -7.33 -19.62 -2.48
H2A2 PLC E . -6.29 -20.10 -1.42
H3A1 PLC E . -6.87 -18.37 0.03
H3A2 PLC E . -8.09 -17.98 -0.85
H4A1 PLC E . -5.38 -17.57 -1.56
H4A2 PLC E . -6.51 -17.39 -2.61
H5A1 PLC E . -6.93 -15.86 -0.33
H5A2 PLC E . -7.10 -15.42 -1.81
H6A1 PLC E . -4.66 -15.45 -0.37
H6A2 PLC E . -4.65 -15.31 -1.91
H7A1 PLC E . -6.16 -13.42 -0.52
H7A2 PLC E . -4.63 -13.26 -0.42
H8A1 PLC E . -6.22 -12.92 -2.70
H8A2 PLC E . -4.74 -13.33 -2.93
H9A1 PLC E . -5.33 -10.90 -2.90
H9A2 PLC E . -5.24 -11.05 -1.37
HTA1 PLC E . -3.02 -11.27 -1.38
HTA2 PLC E . -3.00 -11.92 -2.78
HEA1 PLC E . -2.05 -9.76 -2.90
HEA2 PLC E . -3.33 -9.80 -3.80
HEA3 PLC E . -3.39 -9.13 -2.39
C1 NAG F . -40.13 -3.77 -23.03
C2 NAG F . -40.04 -4.19 -21.56
C3 NAG F . -41.42 -4.58 -21.03
C4 NAG F . -42.41 -3.45 -21.31
C5 NAG F . -42.37 -3.09 -22.80
C6 NAG F . -43.32 -1.96 -23.17
C7 NAG F . -38.91 -6.30 -22.20
C8 NAG F . -37.86 -7.30 -21.75
N2 NAG F . -39.10 -5.27 -21.37
O3 NAG F . -41.30 -4.85 -19.67
O4 NAG F . -43.67 -3.90 -20.91
O5 NAG F . -41.06 -2.73 -23.16
O6 NAG F . -43.03 -0.83 -22.39
O7 NAG F . -39.52 -6.47 -23.24
H2 NAG F . -39.72 -3.42 -21.05
H3 NAG F . -41.72 -5.35 -21.52
H4 NAG F . -42.13 -2.68 -20.79
H5 NAG F . -42.66 -3.87 -23.30
H61 NAG F . -44.23 -2.27 -23.04
H62 NAG F . -43.21 -1.79 -24.12
H81 NAG F . -38.27 -8.16 -21.59
H82 NAG F . -37.48 -7.00 -20.90
H83 NAG F . -37.14 -7.42 -22.38
HN2 NAG F . -38.63 -5.24 -20.65
HO3 NAG F . -41.03 -4.15 -19.27
C1 PIO G . 7.02 26.25 10.55
O1 PIO G . 6.80 27.28 11.49
P1 PIO G . 5.80 28.50 11.04
C2 PIO G . 6.71 24.90 11.21
O2 PIO G . 5.43 24.98 11.82
C3 PIO G . 7.74 24.51 12.27
O3 PIO G . 7.61 25.39 13.36
C4 PIO G . 9.17 24.58 11.74
O4 PIO G . 9.37 23.55 10.80
P4 PIO G . 10.59 22.49 11.09
C5 PIO G . 9.49 25.93 11.10
O5 PIO G . 9.53 26.91 12.11
P5 PIO G . 11.00 27.39 12.67
C6 PIO G . 8.46 26.33 10.03
O6 PIO G . 8.58 25.46 8.94
O11 PIO G . 6.62 29.66 10.51
O12 PIO G . 4.98 28.96 12.23
O13 PIO G . 4.80 27.96 9.85
C1A PIO G . 1.65 25.41 8.46
O1A PIO G . 2.58 24.68 8.40
C1B PIO G . -0.07 26.70 12.35
O1B PIO G . -0.28 27.21 13.40
C1C PIO G . 3.42 28.14 9.94
C2A PIO G . 0.33 25.00 7.81
C2B PIO G . -0.79 25.41 11.96
C2C PIO G . 2.73 26.78 10.08
O2C PIO G . 1.74 26.66 9.10
C3A PIO G . -0.26 23.80 8.56
C3B PIO G . -1.89 25.07 12.97
C3C PIO G . 2.09 26.65 11.46
O3C PIO G . 0.83 27.26 11.46
O41 PIO G . 10.68 22.22 12.57
O42 PIO G . 10.32 21.18 10.36
O43 PIO G . 11.90 23.06 10.61
C4A PIO G . -1.63 23.45 7.99
C4B PIO G . -2.82 24.00 12.37
O51 PIO G . 12.08 26.57 12.02
O52 PIO G . 11.21 28.85 12.34
O53 PIO G . 11.06 27.21 14.17
C5A PIO G . -2.65 24.54 8.29
C5B PIO G . -2.37 22.60 12.81
C6A PIO G . -4.07 24.01 8.13
C6B PIO G . -2.42 21.64 11.63
C7A PIO G . -4.32 23.59 6.69
C7B PIO G . -3.85 21.42 11.12
C8A PIO G . -5.82 23.43 6.46
C8B PIO G . -4.52 20.31 11.93
H1C PIO G . 3.17 28.76 10.80
H1CA PIO G . 3.05 28.63 9.04
H3C PIO G . 2.73 27.11 12.21
H3CA PIO G . 1.97 25.60 11.70
H2A PIO G . 0.50 24.72 6.77
H3A PIO G . 0.40 22.95 8.46
H4A PIO G . -1.97 22.51 8.45
H5A PIO G . -2.51 24.90 9.30
H6A PIO G . -4.78 24.79 8.41
H7A PIO G . -3.83 22.65 6.49
H8A PIO G . -6.27 24.42 6.36
H2AA PIO G . -0.36 25.83 7.84
H3AA PIO G . -0.35 24.05 9.61
H4AA PIO G . -1.54 23.32 6.93
H5AA PIO G . -2.49 25.36 7.59
H6AA PIO G . -4.20 23.16 8.80
H7AA PIO G . -3.94 24.35 6.02
H8AA PIO G . -6.00 22.85 5.57
H8AB PIO G . -6.27 22.93 7.32
H2B PIO G . -1.23 25.54 10.98
H3B PIO G . -2.47 25.96 13.17
H4B PIO G . -2.79 24.06 11.30
H5B PIO G . -1.36 22.64 13.19
H6B PIO G . -2.02 20.67 11.94
H7B PIO G . -4.43 22.34 11.22
H8B PIO G . -4.26 20.42 12.98
H2BA PIO G . -0.08 24.59 11.93
H3BA PIO G . -1.44 24.71 13.89
H4BA PIO G . -3.83 24.18 12.72
H5BA PIO G . -3.03 22.25 13.59
H6BA PIO G . -1.81 22.03 10.82
H7BA PIO G . -3.82 21.13 10.08
H8BA PIO G . -4.18 19.34 11.58
H8BB PIO G . -5.60 20.38 11.81
H2C PIO G . 3.48 26.00 9.96
C1 PLC H . -23.76 -4.08 6.84
C2 PLC H . -22.39 -3.94 6.23
C3 PLC H . -22.27 -2.85 5.19
C4 PLC H . -26.79 -5.26 7.20
C5 PLC H . -26.91 -5.02 5.71
C6 PLC H . -26.59 -2.59 5.32
C7 PLC H . -28.73 -3.45 6.05
C8 PLC H . -27.97 -3.86 3.80
C' PLC H . -20.51 -4.69 7.52
C1' PLC H . -19.25 -4.53 6.72
C2' PLC H . -17.99 -4.93 7.49
C3' PLC H . -17.00 -3.78 7.64
C4' PLC H . -15.81 -3.90 6.70
C5' PLC H . -14.77 -2.81 6.94
C6' PLC H . -13.44 -3.07 6.25
C7' PLC H . -12.48 -1.89 6.36
C8' PLC H . -11.03 -2.24 6.05
C9' PLC H . -10.12 -1.01 6.01
CA' PLC H . -8.63 -1.35 6.08
CB' PLC H . -7.95 -1.29 4.71
CB PLC H . -21.26 -0.75 5.39
C1B PLC H . -20.53 -0.11 6.53
C2B PLC H . -19.03 -0.33 6.50
C3B PLC H . -18.39 0.14 5.21
C4B PLC H . -18.02 -1.00 4.27
C5B PLC H . -17.08 -0.57 3.15
C6B PLC H . -15.63 -0.45 3.59
C7B PLC H . -14.76 0.28 2.59
C8B PLC H . -13.31 0.41 3.05
C9B PLC H . -12.33 0.63 1.91
CAA PLC H . -10.88 0.65 2.35
CBA PLC H . -9.91 0.75 1.18
O' PLC H . -20.72 -5.55 8.33
OB PLC H . -21.03 -0.55 4.22
O2 PLC H . -21.38 -3.73 7.22
O3 PLC H . -22.21 -1.57 5.81
O1P PLC H . -25.31 -3.92 10.31
O2P PLC H . -24.74 -6.09 9.03
O3P PLC H . -23.79 -3.84 8.23
O4P PLC H . -26.10 -4.22 7.86
N PLC H . -27.53 -3.73 5.22
P PLC H . -24.99 -4.61 9.02
H11 PLC H . -24.10 -4.95 6.62
H12 PLC H . -24.34 -3.44 6.40
H2 PLC H . -22.22 -4.77 5.76
H31 PLC H . -21.48 -3.02 4.65
H32 PLC H . -23.03 -2.89 4.60
H41 PLC H . -27.65 -5.45 7.59
H42 PLC H . -26.28 -6.08 7.27
H51 PLC H . -26.02 -5.05 5.33
H52 PLC H . -27.42 -5.75 5.30
H61 PLC H . -26.39 -2.41 6.25
H62 PLC H . -25.78 -2.79 4.83
H63 PLC H . -27.01 -1.81 4.92
H71 PLC H . -29.23 -2.71 5.65
H72 PLC H . -28.45 -3.19 6.94
H73 PLC H . -29.29 -4.24 6.10
H81 PLC H . -28.67 -4.53 3.73
H82 PLC H . -28.34 -3.00 3.51
H83 PLC H . -27.21 -4.09 3.25
H1'1 PLC H . -19.32 -5.05 5.91
H1'2 PLC H . -19.19 -3.61 6.44
H2'1 PLC H . -17.55 -5.68 7.04
H2'2 PLC H . -18.24 -5.25 8.38
H3'1 PLC H . -16.69 -3.75 8.55
H3'2 PLC H . -17.45 -2.94 7.49
H4'1 PLC H . -15.39 -4.77 6.81
H4'2 PLC H . -16.11 -3.85 5.79
H5'1 PLC H . -15.12 -1.96 6.63
H5'2 PLC H . -14.63 -2.71 7.89
H6'1 PLC H . -13.59 -3.28 5.32
H6'2 PLC H . -13.02 -3.87 6.63
H7'1 PLC H . -12.77 -1.18 5.76
H7'2 PLC H . -12.54 -1.52 7.25
H8'1 PLC H . -10.98 -2.70 5.19
H8'2 PLC H . -10.69 -2.87 6.71
H9'1 PLC H . -10.35 -0.43 6.75
H9'2 PLC H . -10.29 -0.50 5.20
HT'1 PLC H . -8.52 -2.23 6.45
HT'2 PLC H . -8.19 -0.74 6.69
HE'1 PLC H . -8.33 -1.92 4.09
HE'2 PLC H . -8.04 -0.40 4.32
HE'3 PLC H . -7.00 -1.47 4.78
H1A1 PLC H . -20.91 -0.46 7.35
H1A2 PLC H . -20.74 0.84 6.53
H2A1 PLC H . -18.62 0.12 7.25
H2A2 PLC H . -18.85 -1.28 6.62
H3A1 PLC H . -18.98 0.75 4.75
H3A2 PLC H . -17.58 0.66 5.42
H4A1 PLC H . -17.60 -1.71 4.78
H4A2 PLC H . -18.83 -1.38 3.89
H5A1 PLC H . -17.38 0.28 2.79
H5A2 PLC H . -17.15 -1.21 2.41
H6A1 PLC H . -15.28 -1.34 3.74
H6A2 PLC H . -15.60 0.01 4.45
H7A1 PLC H . -15.12 1.16 2.43
H7A2 PLC H . -14.79 -0.18 1.74
H8A1 PLC H . -13.06 -0.38 3.54
H8A2 PLC H . -13.24 1.15 3.68
H9A1 PLC H . -12.54 1.46 1.45
H9A2 PLC H . -12.46 -0.07 1.25
HTA1 PLC H . -10.74 1.40 2.96
HTA2 PLC H . -10.69 -0.15 2.86
HEA1 PLC H . -10.03 0.01 0.56
HEA2 PLC H . -10.05 1.57 0.67
HEA3 PLC H . -8.98 0.74 1.48
#